data_1DJO
#
_entry.id   1DJO
#
_cell.length_a   78.37
_cell.length_b   135.890
_cell.length_c   137.560
_cell.angle_alpha   90.00
_cell.angle_beta   90.00
_cell.angle_gamma   90.00
#
_symmetry.space_group_name_H-M   'C 2 2 21'
#
loop_
_entity.id
_entity.type
_entity.pdbx_description
1 polymer GLUTAMINASE-ASPARAGINASE
2 non-polymer 4,4-dihydroxy-5-oxo-L-norvaline
#
_entity_poly.entity_id   1
_entity_poly.type   'polypeptide(L)'
_entity_poly.pdbx_seq_one_letter_code
;KLANVVILATGGTIAGAGASAANSATYQAAKVGVDKLIAGVPELADLANVRGEQVMQIASESITNDDLLKLGKRVAELAD
SNDVDGIVITHGTDTLEETAYFLNLVQKTDKPIVVVGSMRPGTAMSADGMLNLYNAVAVASNKDSRGKGVLVTMNDEIQS
GRDVSKSINIKTEAFKSAWGPLGMVVEGKSYWFRLPAKRHTVNSEFDIKQISSLPQVDIAYSYGNVTDTAYKALAQNGAK
ALIHAGTGNGSVSSRVVPALQQLRKNGTQIIRSSHVNQGGFVLRNAEQPDDKNDWVVAHDLNPEKARILAMVAMTKTQDS
KELQRIFWEY
;
_entity_poly.pdbx_strand_id   A,B
#
# COMPACT_ATOMS: atom_id res chain seq x y z
N LYS A 1 31.36 -31.75 7.70
CA LYS A 1 31.87 -31.07 6.47
C LYS A 1 30.86 -30.03 5.98
N LEU A 2 30.03 -30.41 5.04
CA LEU A 2 29.02 -29.50 4.51
C LEU A 2 27.86 -29.44 5.49
N ALA A 3 27.14 -28.32 5.52
CA ALA A 3 26.01 -28.19 6.43
C ALA A 3 24.85 -29.01 5.87
N ASN A 4 23.93 -29.39 6.74
CA ASN A 4 22.75 -30.14 6.32
C ASN A 4 21.60 -29.15 6.20
N VAL A 5 21.09 -28.94 5.00
CA VAL A 5 19.99 -28.00 4.82
C VAL A 5 18.78 -28.67 4.18
N VAL A 6 17.61 -28.43 4.77
CA VAL A 6 16.38 -29.00 4.26
C VAL A 6 15.55 -27.92 3.56
N ILE A 7 15.00 -28.27 2.40
CA ILE A 7 14.18 -27.34 1.64
C ILE A 7 12.72 -27.77 1.75
N LEU A 8 11.90 -26.91 2.34
CA LEU A 8 10.48 -27.17 2.50
C LEU A 8 9.72 -26.45 1.39
N ALA A 9 9.22 -27.21 0.41
CA ALA A 9 8.49 -26.62 -0.70
C ALA A 9 7.02 -26.39 -0.37
N THR A 10 6.48 -25.25 -0.78
CA THR A 10 5.09 -24.92 -0.52
C THR A 10 4.36 -24.50 -1.80
N GLY A 11 5.10 -24.38 -2.90
CA GLY A 11 4.50 -23.99 -4.16
C GLY A 11 5.04 -22.68 -4.68
N GLY A 12 4.13 -21.81 -5.15
CA GLY A 12 4.53 -20.52 -5.67
C GLY A 12 4.87 -20.47 -7.15
N THR A 13 5.35 -19.32 -7.61
CA THR A 13 5.71 -19.17 -9.01
C THR A 13 7.04 -19.85 -9.27
N ILE A 14 7.88 -19.91 -8.23
CA ILE A 14 9.19 -20.53 -8.36
C ILE A 14 8.97 -21.98 -8.81
N ALA A 15 7.81 -22.51 -8.47
CA ALA A 15 7.44 -23.87 -8.85
C ALA A 15 6.36 -23.81 -9.93
N GLY A 16 6.22 -22.64 -10.56
CA GLY A 16 5.21 -22.47 -11.58
C GLY A 16 5.69 -22.74 -13.00
N ALA A 17 4.76 -22.67 -13.95
CA ALA A 17 5.09 -22.91 -15.35
C ALA A 17 4.26 -22.00 -16.27
N GLY A 18 4.91 -21.48 -17.31
CA GLY A 18 4.23 -20.61 -18.25
C GLY A 18 4.05 -21.27 -19.60
N ALA A 19 3.12 -20.76 -20.41
CA ALA A 19 2.83 -21.30 -21.73
C ALA A 19 4.01 -21.24 -22.70
N SER A 20 4.88 -20.25 -22.52
CA SER A 20 6.05 -20.11 -23.39
C SER A 20 7.20 -19.48 -22.63
N ALA A 21 8.39 -19.49 -23.22
CA ALA A 21 9.56 -18.91 -22.58
C ALA A 21 9.41 -17.40 -22.46
N ALA A 22 8.56 -16.82 -23.30
CA ALA A 22 8.34 -15.38 -23.28
C ALA A 22 7.34 -14.98 -22.19
N ASN A 23 6.76 -15.97 -21.52
CA ASN A 23 5.80 -15.69 -20.46
C ASN A 23 6.49 -15.50 -19.12
N SER A 24 6.64 -14.24 -18.71
CA SER A 24 7.29 -13.91 -17.44
C SER A 24 6.30 -13.51 -16.35
N ALA A 25 5.10 -13.10 -16.73
CA ALA A 25 4.10 -12.68 -15.75
C ALA A 25 2.83 -13.53 -15.82
N THR A 26 2.52 -14.05 -17.00
CA THR A 26 1.33 -14.89 -17.19
C THR A 26 1.73 -16.35 -17.05
N TYR A 27 1.32 -16.99 -15.96
CA TYR A 27 1.67 -18.37 -15.75
C TYR A 27 0.72 -19.07 -14.77
N GLN A 28 1.03 -20.33 -14.50
CA GLN A 28 0.26 -21.16 -13.59
C GLN A 28 1.23 -21.57 -12.48
N ALA A 29 0.87 -21.27 -11.24
CA ALA A 29 1.74 -21.58 -10.10
C ALA A 29 1.59 -22.98 -9.51
N ALA A 30 2.54 -23.34 -8.66
CA ALA A 30 2.57 -24.62 -7.97
C ALA A 30 2.34 -25.81 -8.88
N LYS A 31 3.25 -26.01 -9.83
CA LYS A 31 3.13 -27.12 -10.77
C LYS A 31 4.34 -28.05 -10.64
N VAL A 32 5.42 -27.55 -10.07
CA VAL A 32 6.65 -28.31 -9.92
C VAL A 32 6.93 -28.80 -8.51
N GLY A 33 7.39 -30.04 -8.41
CA GLY A 33 7.71 -30.63 -7.11
C GLY A 33 9.10 -30.22 -6.67
N VAL A 34 9.35 -30.26 -5.36
CA VAL A 34 10.64 -29.88 -4.79
C VAL A 34 11.83 -30.64 -5.39
N ASP A 35 11.61 -31.90 -5.77
CA ASP A 35 12.68 -32.70 -6.36
C ASP A 35 13.11 -32.11 -7.69
N LYS A 36 12.15 -31.73 -8.51
CA LYS A 36 12.43 -31.16 -9.82
C LYS A 36 13.22 -29.86 -9.63
N LEU A 37 12.82 -29.07 -8.64
CA LEU A 37 13.48 -27.80 -8.35
C LEU A 37 14.95 -28.02 -8.00
N ILE A 38 15.19 -28.76 -6.92
CA ILE A 38 16.56 -29.04 -6.48
C ILE A 38 17.41 -29.53 -7.64
N ALA A 39 16.85 -30.44 -8.42
CA ALA A 39 17.54 -31.00 -9.58
C ALA A 39 18.02 -29.91 -10.53
N GLY A 40 17.14 -28.94 -10.79
CA GLY A 40 17.48 -27.85 -11.69
C GLY A 40 18.68 -27.00 -11.27
N VAL A 41 19.11 -27.18 -10.03
CA VAL A 41 20.26 -26.42 -9.51
C VAL A 41 21.32 -27.38 -8.98
N PRO A 42 22.11 -27.99 -9.89
CA PRO A 42 23.18 -28.94 -9.55
C PRO A 42 24.22 -28.36 -8.60
N GLU A 43 24.59 -27.09 -8.83
CA GLU A 43 25.60 -26.41 -8.02
C GLU A 43 25.28 -26.43 -6.53
N LEU A 44 24.02 -26.71 -6.20
CA LEU A 44 23.60 -26.76 -4.81
C LEU A 44 24.47 -27.71 -4.01
N ALA A 45 24.82 -28.85 -4.62
CA ALA A 45 25.65 -29.87 -3.95
C ALA A 45 26.94 -29.31 -3.38
N ASP A 46 27.47 -28.27 -4.00
CA ASP A 46 28.71 -27.66 -3.53
C ASP A 46 28.51 -26.86 -2.25
N LEU A 47 27.35 -26.24 -2.10
CA LEU A 47 27.04 -25.45 -0.92
C LEU A 47 26.77 -26.31 0.31
N ALA A 48 26.05 -27.41 0.12
CA ALA A 48 25.74 -28.29 1.24
C ALA A 48 24.96 -29.51 0.82
N ASN A 49 24.66 -30.37 1.80
CA ASN A 49 23.88 -31.57 1.55
C ASN A 49 22.43 -31.14 1.68
N VAL A 50 21.67 -31.23 0.60
CA VAL A 50 20.27 -30.82 0.65
C VAL A 50 19.30 -31.95 0.34
N ARG A 51 18.14 -31.90 0.99
CA ARG A 51 17.08 -32.88 0.78
C ARG A 51 15.78 -32.10 0.75
N GLY A 52 14.90 -32.44 -0.19
CA GLY A 52 13.64 -31.75 -0.31
C GLY A 52 12.48 -32.43 0.38
N GLU A 53 11.45 -31.63 0.66
CA GLU A 53 10.24 -32.12 1.32
C GLU A 53 9.08 -31.24 0.89
N GLN A 54 8.14 -31.84 0.16
CA GLN A 54 6.97 -31.12 -0.32
C GLN A 54 5.95 -31.09 0.80
N VAL A 55 5.75 -29.90 1.37
CA VAL A 55 4.77 -29.74 2.44
C VAL A 55 3.39 -29.49 1.86
N MET A 56 3.35 -28.74 0.76
CA MET A 56 2.09 -28.42 0.08
C MET A 56 2.39 -27.84 -1.30
N GLN A 57 1.36 -27.78 -2.14
CA GLN A 57 1.48 -27.26 -3.51
C GLN A 57 0.39 -26.24 -3.76
N ILE A 58 0.57 -25.02 -3.26
CA ILE A 58 -0.45 -23.99 -3.42
C ILE A 58 0.09 -22.67 -3.94
N ALA A 59 -0.85 -21.79 -4.30
CA ALA A 59 -0.54 -20.44 -4.74
C ALA A 59 -0.71 -19.69 -3.44
N SER A 60 0.30 -18.92 -3.04
CA SER A 60 0.25 -18.22 -1.75
C SER A 60 -0.93 -17.26 -1.55
N GLU A 61 -1.57 -16.81 -2.63
CA GLU A 61 -2.71 -15.91 -2.47
C GLU A 61 -3.87 -16.65 -1.81
N SER A 62 -3.84 -17.97 -1.90
CA SER A 62 -4.90 -18.81 -1.33
C SER A 62 -4.50 -19.51 -0.03
N ILE A 63 -3.51 -18.96 0.67
CA ILE A 63 -3.06 -19.58 1.91
C ILE A 63 -4.04 -19.36 3.06
N THR A 64 -4.11 -20.32 3.98
CA THR A 64 -5.01 -20.24 5.13
C THR A 64 -4.23 -20.28 6.44
N ASN A 65 -4.93 -19.98 7.54
CA ASN A 65 -4.30 -20.01 8.86
C ASN A 65 -3.83 -21.40 9.25
N ASP A 66 -4.52 -22.43 8.75
CA ASP A 66 -4.13 -23.81 9.05
C ASP A 66 -2.85 -24.18 8.29
N ASP A 67 -2.65 -23.56 7.14
CA ASP A 67 -1.44 -23.82 6.36
C ASP A 67 -0.26 -23.21 7.10
N LEU A 68 -0.48 -22.04 7.70
CA LEU A 68 0.59 -21.37 8.46
C LEU A 68 0.99 -22.23 9.65
N LEU A 69 0.00 -22.68 10.40
CA LEU A 69 0.24 -23.52 11.57
C LEU A 69 0.98 -24.78 11.19
N LYS A 70 0.53 -25.40 10.11
CA LYS A 70 1.11 -26.63 9.61
C LYS A 70 2.57 -26.42 9.20
N LEU A 71 2.85 -25.28 8.57
CA LEU A 71 4.20 -24.97 8.13
C LEU A 71 5.07 -24.60 9.34
N GLY A 72 4.50 -23.84 10.27
CA GLY A 72 5.23 -23.44 11.45
C GLY A 72 5.65 -24.60 12.33
N LYS A 73 4.77 -25.58 12.49
CA LYS A 73 5.06 -26.74 13.32
C LYS A 73 6.11 -27.65 12.69
N ARG A 74 6.02 -27.82 11.37
CA ARG A 74 6.98 -28.63 10.65
C ARG A 74 8.37 -28.00 10.83
N VAL A 75 8.43 -26.67 10.73
CA VAL A 75 9.70 -25.96 10.88
C VAL A 75 10.31 -26.17 12.28
N ALA A 76 9.46 -26.11 13.29
CA ALA A 76 9.92 -26.29 14.67
C ALA A 76 10.47 -27.69 14.88
N GLU A 77 9.95 -28.66 14.14
CA GLU A 77 10.39 -30.05 14.23
C GLU A 77 11.80 -30.22 13.65
N LEU A 78 11.98 -29.74 12.43
CA LEU A 78 13.28 -29.85 11.77
C LEU A 78 14.37 -29.08 12.50
N ALA A 79 14.01 -27.97 13.11
CA ALA A 79 14.99 -27.16 13.84
C ALA A 79 15.49 -27.87 15.08
N ASP A 80 14.63 -28.65 15.71
CA ASP A 80 14.97 -29.40 16.91
C ASP A 80 15.93 -30.55 16.63
N SER A 81 15.91 -31.03 15.38
CA SER A 81 16.77 -32.13 14.97
C SER A 81 18.22 -31.68 14.82
N ASN A 82 19.15 -32.55 15.20
CA ASN A 82 20.57 -32.23 15.10
C ASN A 82 21.11 -32.53 13.72
N ASP A 83 20.27 -33.12 12.87
CA ASP A 83 20.68 -33.44 11.51
C ASP A 83 20.29 -32.31 10.57
N VAL A 84 19.96 -31.16 11.14
CA VAL A 84 19.55 -29.99 10.37
C VAL A 84 20.27 -28.74 10.84
N ASP A 85 21.01 -28.09 9.94
CA ASP A 85 21.73 -26.87 10.29
C ASP A 85 20.95 -25.65 9.84
N GLY A 86 20.36 -25.74 8.65
CA GLY A 86 19.61 -24.62 8.11
C GLY A 86 18.35 -25.07 7.41
N ILE A 87 17.38 -24.16 7.29
CA ILE A 87 16.12 -24.48 6.65
C ILE A 87 15.72 -23.44 5.60
N VAL A 88 15.40 -23.92 4.41
CA VAL A 88 14.98 -23.08 3.29
C VAL A 88 13.54 -23.43 2.95
N ILE A 89 12.73 -22.42 2.71
CA ILE A 89 11.32 -22.62 2.37
C ILE A 89 11.00 -21.89 1.08
N THR A 90 10.49 -22.60 0.08
CA THR A 90 10.10 -21.95 -1.16
C THR A 90 8.64 -21.57 -0.94
N HIS A 91 8.31 -20.32 -1.24
CA HIS A 91 6.97 -19.82 -1.00
C HIS A 91 6.55 -18.79 -2.07
N GLY A 92 5.27 -18.81 -2.45
CA GLY A 92 4.80 -17.85 -3.45
C GLY A 92 5.05 -16.45 -2.91
N THR A 93 5.42 -15.52 -3.78
CA THR A 93 5.73 -14.15 -3.35
C THR A 93 4.56 -13.29 -2.88
N ASP A 94 3.35 -13.60 -3.35
CA ASP A 94 2.17 -12.81 -2.99
C ASP A 94 1.95 -12.61 -1.48
N THR A 95 2.10 -13.67 -0.69
CA THR A 95 1.95 -13.53 0.77
C THR A 95 3.19 -13.99 1.51
N LEU A 96 4.31 -14.05 0.81
CA LEU A 96 5.58 -14.45 1.40
C LEU A 96 5.91 -13.56 2.61
N GLU A 97 5.67 -12.26 2.48
CA GLU A 97 5.97 -11.31 3.55
C GLU A 97 5.18 -11.62 4.82
N GLU A 98 4.05 -12.30 4.68
CA GLU A 98 3.23 -12.65 5.83
C GLU A 98 3.79 -13.89 6.52
N THR A 99 4.08 -14.93 5.75
CA THR A 99 4.63 -16.17 6.32
C THR A 99 6.00 -15.92 6.94
N ALA A 100 6.81 -15.10 6.26
CA ALA A 100 8.14 -14.78 6.75
C ALA A 100 8.10 -14.11 8.13
N TYR A 101 7.15 -13.19 8.31
CA TYR A 101 7.02 -12.50 9.60
C TYR A 101 6.47 -13.42 10.69
N PHE A 102 5.52 -14.26 10.31
CA PHE A 102 4.92 -15.21 11.25
C PHE A 102 6.01 -16.08 11.88
N LEU A 103 6.83 -16.70 11.03
CA LEU A 103 7.92 -17.57 11.48
C LEU A 103 8.96 -16.83 12.30
N ASN A 104 9.21 -15.57 11.97
CA ASN A 104 10.18 -14.75 12.71
C ASN A 104 9.71 -14.56 14.14
N LEU A 105 8.39 -14.62 14.33
CA LEU A 105 7.80 -14.42 15.64
C LEU A 105 7.63 -15.68 16.47
N VAL A 106 7.41 -16.82 15.81
CA VAL A 106 7.17 -18.04 16.56
C VAL A 106 8.20 -19.17 16.57
N GLN A 107 9.20 -19.10 15.70
CA GLN A 107 10.23 -20.15 15.69
C GLN A 107 11.31 -19.79 16.71
N LYS A 108 11.33 -20.52 17.82
CA LYS A 108 12.30 -20.28 18.88
C LYS A 108 13.61 -21.03 18.62
N THR A 109 14.33 -20.62 17.58
CA THR A 109 15.59 -21.25 17.23
C THR A 109 16.54 -20.24 16.59
N ASP A 110 17.84 -20.45 16.76
CA ASP A 110 18.84 -19.58 16.18
C ASP A 110 19.36 -20.11 14.85
N LYS A 111 18.87 -21.27 14.42
CA LYS A 111 19.30 -21.84 13.14
C LYS A 111 18.68 -20.99 12.04
N PRO A 112 19.41 -20.77 10.95
CA PRO A 112 18.91 -19.97 9.83
C PRO A 112 17.63 -20.50 9.16
N ILE A 113 16.64 -19.62 9.04
CA ILE A 113 15.38 -19.94 8.37
C ILE A 113 15.29 -18.94 7.22
N VAL A 114 15.35 -19.44 5.99
CA VAL A 114 15.33 -18.58 4.81
C VAL A 114 14.15 -18.83 3.89
N VAL A 115 13.38 -17.78 3.63
CA VAL A 115 12.22 -17.86 2.75
C VAL A 115 12.54 -17.28 1.38
N VAL A 116 12.21 -18.03 0.33
CA VAL A 116 12.50 -17.58 -1.02
C VAL A 116 11.42 -17.92 -2.05
N GLY A 117 11.30 -17.08 -3.06
CA GLY A 117 10.35 -17.28 -4.13
C GLY A 117 10.95 -16.75 -5.42
N SER A 118 10.14 -16.58 -6.46
CA SER A 118 10.64 -16.06 -7.72
C SER A 118 9.52 -15.28 -8.40
N MET A 119 9.87 -14.16 -9.01
CA MET A 119 8.88 -13.34 -9.69
C MET A 119 8.52 -13.94 -11.04
N ARG A 120 9.45 -14.68 -11.62
CA ARG A 120 9.23 -15.31 -12.91
C ARG A 120 9.20 -16.82 -12.78
N PRO A 121 8.36 -17.50 -13.59
CA PRO A 121 8.31 -18.96 -13.49
C PRO A 121 9.59 -19.51 -14.10
N GLY A 122 9.94 -20.75 -13.75
CA GLY A 122 11.15 -21.36 -14.28
C GLY A 122 11.14 -21.58 -15.78
N THR A 123 9.97 -21.50 -16.40
CA THR A 123 9.85 -21.72 -17.83
C THR A 123 10.08 -20.44 -18.63
N ALA A 124 10.23 -19.33 -17.92
CA ALA A 124 10.46 -18.05 -18.58
C ALA A 124 11.94 -17.85 -18.84
N MET A 125 12.29 -17.12 -19.89
CA MET A 125 13.70 -16.87 -20.15
C MET A 125 14.16 -15.89 -19.08
N SER A 126 15.40 -16.07 -18.62
CA SER A 126 15.96 -15.22 -17.57
C SER A 126 15.21 -15.35 -16.25
N ALA A 127 14.58 -16.50 -16.02
CA ALA A 127 13.86 -16.73 -14.77
C ALA A 127 14.83 -16.46 -13.63
N ASP A 128 14.31 -15.91 -12.52
CA ASP A 128 15.13 -15.55 -11.37
C ASP A 128 15.20 -16.59 -10.24
N GLY A 129 14.36 -17.61 -10.33
CA GLY A 129 14.32 -18.63 -9.30
C GLY A 129 15.55 -19.48 -9.04
N MET A 130 16.31 -19.79 -10.09
CA MET A 130 17.50 -20.62 -9.91
C MET A 130 18.53 -19.97 -8.99
N LEU A 131 18.93 -18.74 -9.29
CA LEU A 131 19.91 -18.03 -8.46
C LEU A 131 19.35 -17.71 -7.08
N ASN A 132 18.06 -17.42 -6.98
CA ASN A 132 17.47 -17.11 -5.68
C ASN A 132 17.59 -18.30 -4.73
N LEU A 133 17.27 -19.50 -5.23
CA LEU A 133 17.35 -20.71 -4.43
C LEU A 133 18.79 -20.98 -4.01
N TYR A 134 19.70 -20.87 -4.96
CA TYR A 134 21.12 -21.09 -4.72
C TYR A 134 21.60 -20.18 -3.59
N ASN A 135 21.20 -18.91 -3.64
CA ASN A 135 21.57 -17.95 -2.60
C ASN A 135 20.90 -18.29 -1.28
N ALA A 136 19.70 -18.85 -1.35
CA ALA A 136 18.96 -19.23 -0.15
C ALA A 136 19.73 -20.32 0.59
N VAL A 137 20.17 -21.33 -0.14
CA VAL A 137 20.94 -22.42 0.46
C VAL A 137 22.28 -21.90 0.92
N ALA A 138 22.88 -21.01 0.13
CA ALA A 138 24.18 -20.43 0.48
C ALA A 138 24.09 -19.70 1.82
N VAL A 139 22.97 -19.02 2.04
CA VAL A 139 22.78 -18.26 3.27
C VAL A 139 22.38 -19.16 4.44
N ALA A 140 21.58 -20.18 4.15
CA ALA A 140 21.12 -21.12 5.17
C ALA A 140 22.25 -22.03 5.66
N SER A 141 23.31 -22.13 4.87
CA SER A 141 24.45 -22.98 5.20
C SER A 141 25.52 -22.19 5.94
N ASN A 142 25.39 -20.87 5.93
CA ASN A 142 26.36 -20.00 6.57
C ASN A 142 26.16 -19.81 8.07
N LYS A 143 27.23 -20.01 8.83
CA LYS A 143 27.22 -19.86 10.28
C LYS A 143 26.93 -18.42 10.70
N ASP A 144 27.35 -17.46 9.88
CA ASP A 144 27.12 -16.05 10.18
C ASP A 144 25.64 -15.69 10.11
N SER A 145 24.81 -16.59 9.58
CA SER A 145 23.38 -16.33 9.45
C SER A 145 22.58 -16.64 10.70
N ARG A 146 23.19 -17.35 11.65
CA ARG A 146 22.52 -17.71 12.88
C ARG A 146 22.21 -16.48 13.74
N GLY A 147 21.10 -16.54 14.47
CA GLY A 147 20.70 -15.46 15.34
C GLY A 147 20.33 -14.15 14.67
N LYS A 148 20.02 -14.21 13.38
CA LYS A 148 19.65 -13.01 12.63
C LYS A 148 18.15 -12.94 12.39
N GLY A 149 17.44 -14.01 12.77
CA GLY A 149 16.01 -14.04 12.56
C GLY A 149 15.70 -14.61 11.19
N VAL A 150 14.43 -14.67 10.81
CA VAL A 150 14.08 -15.20 9.50
C VAL A 150 14.58 -14.29 8.39
N LEU A 151 15.11 -14.90 7.34
CA LEU A 151 15.66 -14.16 6.21
C LEU A 151 14.98 -14.50 4.89
N VAL A 152 15.03 -13.56 3.95
CA VAL A 152 14.47 -13.77 2.62
C VAL A 152 15.56 -13.35 1.63
N THR A 153 15.87 -14.24 0.69
CA THR A 153 16.93 -14.01 -0.27
C THR A 153 16.48 -13.90 -1.72
N MET A 154 16.35 -12.66 -2.19
CA MET A 154 15.95 -12.40 -3.57
C MET A 154 16.64 -11.14 -4.04
N ASN A 155 16.88 -11.05 -5.35
CA ASN A 155 17.52 -9.88 -5.94
C ASN A 155 18.94 -9.65 -5.38
N ASP A 156 19.63 -10.75 -5.07
CA ASP A 156 20.99 -10.72 -4.53
C ASP A 156 21.08 -10.09 -3.15
N GLU A 157 19.93 -9.94 -2.48
CA GLU A 157 19.89 -9.32 -1.16
C GLU A 157 19.48 -10.25 -0.03
N ILE A 158 19.87 -9.87 1.19
CA ILE A 158 19.48 -10.61 2.38
C ILE A 158 18.55 -9.62 3.07
N GLN A 159 17.26 -9.91 3.00
CA GLN A 159 16.23 -9.07 3.58
C GLN A 159 15.69 -9.68 4.87
N SER A 160 15.25 -8.81 5.78
CA SER A 160 14.69 -9.27 7.05
C SER A 160 13.22 -9.65 6.83
N GLY A 161 12.86 -10.85 7.27
CA GLY A 161 11.49 -11.30 7.12
C GLY A 161 10.46 -10.46 7.84
N ARG A 162 10.90 -9.72 8.85
CA ARG A 162 10.01 -8.88 9.61
C ARG A 162 9.35 -7.81 8.75
N ASP A 163 10.17 -6.96 8.14
CA ASP A 163 9.65 -5.86 7.35
C ASP A 163 9.85 -5.85 5.85
N VAL A 164 10.33 -6.93 5.27
CA VAL A 164 10.48 -6.98 3.82
C VAL A 164 9.05 -7.13 3.31
N SER A 165 8.72 -6.41 2.24
CA SER A 165 7.37 -6.44 1.67
C SER A 165 7.40 -6.44 0.14
N LYS A 166 6.43 -7.10 -0.48
CA LYS A 166 6.37 -7.11 -1.94
C LYS A 166 5.81 -5.74 -2.29
N SER A 167 6.70 -4.84 -2.72
CA SER A 167 6.34 -3.45 -3.03
C SER A 167 6.25 -3.09 -4.50
N ILE A 168 6.91 -3.88 -5.35
CA ILE A 168 6.91 -3.62 -6.79
C ILE A 168 6.43 -4.85 -7.55
N ASN A 169 5.48 -4.66 -8.44
CA ASN A 169 4.95 -5.78 -9.24
C ASN A 169 5.78 -6.00 -10.50
N ILE A 170 5.70 -7.24 -11.02
CA ILE A 170 6.39 -7.65 -12.23
C ILE A 170 7.91 -7.79 -12.16
N LYS A 171 8.59 -6.72 -11.78
CA LYS A 171 10.05 -6.70 -11.69
C LYS A 171 10.64 -7.64 -10.63
N THR A 172 11.86 -8.10 -10.85
CA THR A 172 12.51 -9.01 -9.93
C THR A 172 12.90 -8.36 -8.59
N GLU A 173 13.01 -7.04 -8.55
CA GLU A 173 13.37 -6.36 -7.30
C GLU A 173 12.09 -6.05 -6.50
N ALA A 174 11.08 -6.90 -6.68
CA ALA A 174 9.77 -6.74 -6.04
C ALA A 174 9.79 -6.49 -4.53
N PHE A 175 10.68 -7.16 -3.81
CA PHE A 175 10.74 -7.02 -2.37
C PHE A 175 11.64 -5.92 -1.84
N LYS A 176 11.04 -5.04 -1.03
CA LYS A 176 11.76 -3.92 -0.42
C LYS A 176 11.40 -3.80 1.06
N SER A 177 12.25 -3.09 1.80
CA SER A 177 12.02 -2.81 3.22
C SER A 177 12.36 -1.35 3.45
N ALA A 178 11.52 -0.67 4.23
CA ALA A 178 11.72 0.74 4.54
C ALA A 178 13.05 1.00 5.24
N TRP A 179 13.55 -0.01 5.95
CA TRP A 179 14.78 0.15 6.69
C TRP A 179 15.98 -0.47 5.99
N GLY A 180 15.76 -0.87 4.74
CA GLY A 180 16.82 -1.44 3.92
C GLY A 180 17.16 -2.90 4.12
N PRO A 181 17.96 -3.48 3.21
CA PRO A 181 18.35 -4.88 3.36
C PRO A 181 19.41 -5.05 4.45
N LEU A 182 19.52 -6.25 5.01
CA LEU A 182 20.51 -6.53 6.04
C LEU A 182 21.88 -6.73 5.42
N GLY A 183 21.89 -7.21 4.18
CA GLY A 183 23.14 -7.47 3.47
C GLY A 183 22.88 -7.97 2.06
N MET A 184 23.86 -8.63 1.48
CA MET A 184 23.73 -9.17 0.12
C MET A 184 24.42 -10.54 0.01
N VAL A 185 24.08 -11.26 -1.05
CA VAL A 185 24.67 -12.56 -1.30
C VAL A 185 25.18 -12.54 -2.72
N VAL A 186 26.49 -12.73 -2.90
CA VAL A 186 27.05 -12.75 -4.24
C VAL A 186 28.00 -13.91 -4.38
N GLU A 187 27.85 -14.65 -5.47
CA GLU A 187 28.66 -15.82 -5.76
C GLU A 187 28.92 -16.66 -4.51
N GLY A 188 27.84 -17.13 -3.91
CA GLY A 188 27.92 -17.97 -2.72
C GLY A 188 28.28 -17.33 -1.40
N LYS A 189 28.83 -16.12 -1.42
CA LYS A 189 29.21 -15.46 -0.18
C LYS A 189 28.18 -14.47 0.35
N SER A 190 28.15 -14.32 1.67
CA SER A 190 27.23 -13.40 2.33
C SER A 190 27.99 -12.19 2.87
N TYR A 191 27.42 -11.00 2.66
CA TYR A 191 28.03 -9.78 3.14
C TYR A 191 27.01 -9.01 3.98
N TRP A 192 27.35 -8.78 5.25
CA TRP A 192 26.43 -8.08 6.16
C TRP A 192 26.74 -6.61 6.39
N PHE A 193 25.71 -5.78 6.45
CA PHE A 193 25.90 -4.35 6.66
C PHE A 193 25.04 -3.81 7.79
N ARG A 194 23.98 -4.54 8.12
CA ARG A 194 23.05 -4.15 9.19
C ARG A 194 22.62 -5.34 10.03
N LEU A 195 22.17 -5.06 11.26
CA LEU A 195 21.67 -6.08 12.18
C LEU A 195 20.24 -5.74 12.60
N PRO A 196 19.41 -6.76 12.85
CA PRO A 196 18.03 -6.54 13.27
C PRO A 196 18.05 -5.88 14.64
N ALA A 197 17.02 -5.10 14.95
CA ALA A 197 16.95 -4.45 16.25
C ALA A 197 15.66 -4.80 16.99
N LYS A 198 14.76 -5.50 16.31
CA LYS A 198 13.48 -5.90 16.91
C LYS A 198 13.53 -7.36 17.36
N ARG A 199 12.72 -7.69 18.37
CA ARG A 199 12.69 -9.06 18.90
C ARG A 199 12.32 -10.09 17.84
N HIS A 200 12.95 -11.25 17.89
CA HIS A 200 12.69 -12.33 16.92
C HIS A 200 13.12 -13.68 17.48
N THR A 201 12.71 -14.74 16.78
CA THR A 201 13.01 -16.13 17.13
C THR A 201 13.35 -16.39 18.60
N VAL A 202 14.60 -16.75 18.86
CA VAL A 202 15.06 -17.06 20.22
C VAL A 202 14.70 -16.10 21.33
N ASN A 203 14.61 -14.81 21.05
CA ASN A 203 14.26 -13.87 22.11
C ASN A 203 12.79 -13.45 22.05
N SER A 204 11.99 -14.22 21.33
CA SER A 204 10.55 -13.96 21.20
C SER A 204 9.82 -14.62 22.36
N GLU A 205 8.76 -13.98 22.83
CA GLU A 205 7.99 -14.52 23.94
C GLU A 205 6.90 -15.45 23.45
N PHE A 206 6.86 -15.67 22.13
CA PHE A 206 5.88 -16.55 21.52
C PHE A 206 6.57 -17.83 21.04
N ASP A 207 5.84 -18.93 21.09
CA ASP A 207 6.39 -20.22 20.67
C ASP A 207 5.33 -21.07 19.96
N ILE A 208 5.62 -21.41 18.70
CA ILE A 208 4.73 -22.21 17.87
C ILE A 208 4.32 -23.53 18.55
N LYS A 209 5.17 -24.01 19.45
CA LYS A 209 4.89 -25.25 20.16
C LYS A 209 3.73 -25.10 21.14
N GLN A 210 3.45 -23.87 21.54
CA GLN A 210 2.37 -23.58 22.48
C GLN A 210 1.13 -23.01 21.80
N ILE A 211 1.15 -22.95 20.47
CA ILE A 211 0.03 -22.41 19.70
C ILE A 211 -0.73 -23.45 18.90
N SER A 212 -1.98 -23.70 19.30
CA SER A 212 -2.83 -24.69 18.65
C SER A 212 -3.70 -24.07 17.56
N SER A 213 -4.15 -22.84 17.79
CA SER A 213 -4.98 -22.14 16.81
C SER A 213 -4.72 -20.65 16.86
N LEU A 214 -5.11 -19.94 15.81
CA LEU A 214 -4.93 -18.50 15.74
C LEU A 214 -6.28 -17.79 15.72
N PRO A 215 -6.39 -16.68 16.47
CA PRO A 215 -7.66 -15.95 16.48
C PRO A 215 -7.88 -15.28 15.12
N GLN A 216 -9.14 -15.07 14.77
CA GLN A 216 -9.48 -14.45 13.49
C GLN A 216 -9.21 -12.95 13.52
N VAL A 217 -8.47 -12.47 12.52
CA VAL A 217 -8.15 -11.05 12.41
C VAL A 217 -8.33 -10.62 10.96
N ASP A 218 -9.07 -9.55 10.74
CA ASP A 218 -9.30 -9.06 9.39
C ASP A 218 -8.85 -7.62 9.19
N ILE A 219 -8.86 -7.19 7.93
CA ILE A 219 -8.40 -5.85 7.54
C ILE A 219 -9.44 -5.04 6.76
N ALA A 220 -9.63 -3.78 7.16
CA ALA A 220 -10.57 -2.89 6.48
C ALA A 220 -9.76 -1.75 5.85
N TYR A 221 -10.07 -1.39 4.62
CA TYR A 221 -9.35 -0.32 3.92
C TYR A 221 -10.06 1.01 4.12
N SER A 222 -9.29 2.09 4.27
CA SER A 222 -9.86 3.42 4.45
C SER A 222 -9.51 4.32 3.26
N TYR A 223 -10.45 5.17 2.88
CA TYR A 223 -10.28 6.06 1.74
C TYR A 223 -11.39 7.11 1.75
N GLY A 224 -11.39 7.98 0.75
CA GLY A 224 -12.42 9.01 0.67
C GLY A 224 -13.82 8.42 0.60
N ASN A 225 -14.72 8.93 1.44
CA ASN A 225 -16.12 8.50 1.47
C ASN A 225 -16.34 7.08 2.02
N VAL A 226 -15.37 6.56 2.76
CA VAL A 226 -15.53 5.21 3.31
C VAL A 226 -16.59 5.22 4.42
N THR A 227 -17.32 4.12 4.56
CA THR A 227 -18.35 3.99 5.58
C THR A 227 -17.92 2.91 6.57
N ASP A 228 -18.68 2.73 7.65
CA ASP A 228 -18.32 1.72 8.62
C ASP A 228 -18.78 0.33 8.20
N THR A 229 -19.36 0.22 7.02
CA THR A 229 -19.87 -1.06 6.52
C THR A 229 -18.92 -2.25 6.66
N ALA A 230 -17.77 -2.16 6.01
CA ALA A 230 -16.80 -3.25 6.05
C ALA A 230 -16.33 -3.59 7.45
N TYR A 231 -16.10 -2.57 8.27
CA TYR A 231 -15.65 -2.78 9.63
C TYR A 231 -16.62 -3.66 10.43
N LYS A 232 -17.90 -3.29 10.39
CA LYS A 232 -18.93 -4.03 11.12
C LYS A 232 -19.19 -5.43 10.58
N ALA A 233 -19.24 -5.56 9.25
CA ALA A 233 -19.47 -6.85 8.63
C ALA A 233 -18.39 -7.82 9.10
N LEU A 234 -17.15 -7.35 9.08
CA LEU A 234 -16.02 -8.16 9.50
C LEU A 234 -16.14 -8.59 10.96
N ALA A 235 -16.52 -7.67 11.82
CA ALA A 235 -16.66 -7.99 13.25
C ALA A 235 -17.83 -8.94 13.45
N GLN A 236 -18.89 -8.73 12.69
CA GLN A 236 -20.07 -9.57 12.80
C GLN A 236 -19.74 -11.00 12.38
N ASN A 237 -18.75 -11.17 11.51
CA ASN A 237 -18.38 -12.51 11.07
C ASN A 237 -17.24 -13.17 11.85
N GLY A 238 -16.98 -12.71 13.06
CA GLY A 238 -15.95 -13.34 13.86
C GLY A 238 -14.63 -12.65 14.16
N ALA A 239 -14.31 -11.57 13.44
CA ALA A 239 -13.04 -10.89 13.68
C ALA A 239 -12.84 -10.47 15.13
N LYS A 240 -11.76 -10.94 15.75
CA LYS A 240 -11.44 -10.61 17.13
C LYS A 240 -10.62 -9.33 17.20
N ALA A 241 -10.05 -8.97 16.06
CA ALA A 241 -9.26 -7.75 15.92
C ALA A 241 -9.42 -7.28 14.49
N LEU A 242 -9.44 -5.95 14.31
CA LEU A 242 -9.57 -5.36 12.99
C LEU A 242 -8.37 -4.47 12.72
N ILE A 243 -7.74 -4.66 11.56
CA ILE A 243 -6.61 -3.84 11.17
C ILE A 243 -7.20 -2.71 10.34
N HIS A 244 -6.98 -1.48 10.79
CA HIS A 244 -7.47 -0.29 10.08
C HIS A 244 -6.36 0.25 9.18
N ALA A 245 -6.51 0.06 7.88
CA ALA A 245 -5.52 0.55 6.92
C ALA A 245 -5.94 1.94 6.52
N GLY A 246 -5.67 2.88 7.42
CA GLY A 246 -6.06 4.25 7.17
C GLY A 246 -5.21 5.01 6.19
N THR A 247 -5.67 6.22 5.88
CA THR A 247 -4.95 7.11 5.00
C THR A 247 -3.97 7.79 5.96
N GLY A 248 -2.93 8.40 5.41
CA GLY A 248 -1.95 9.09 6.23
C GLY A 248 -1.48 8.35 7.46
N ASN A 249 -1.42 9.03 8.59
CA ASN A 249 -0.94 8.41 9.81
C ASN A 249 -2.04 7.64 10.55
N GLY A 250 -2.56 6.61 9.89
CA GLY A 250 -3.61 5.79 10.48
C GLY A 250 -4.91 6.56 10.70
N SER A 251 -5.05 7.69 10.03
CA SER A 251 -6.24 8.54 10.17
C SER A 251 -7.54 7.78 9.99
N VAL A 252 -8.56 8.15 10.77
CA VAL A 252 -9.87 7.51 10.69
C VAL A 252 -10.92 8.59 10.38
N SER A 253 -11.81 8.30 9.44
CA SER A 253 -12.84 9.28 9.08
C SER A 253 -13.79 9.47 10.25
N SER A 254 -14.27 10.70 10.43
CA SER A 254 -15.19 11.01 11.51
C SER A 254 -16.47 10.18 11.41
N ARG A 255 -16.76 9.66 10.21
CA ARG A 255 -17.94 8.85 9.98
C ARG A 255 -17.79 7.42 10.49
N VAL A 256 -16.54 7.00 10.67
CA VAL A 256 -16.25 5.64 11.11
C VAL A 256 -15.86 5.54 12.58
N VAL A 257 -15.39 6.64 13.16
CA VAL A 257 -14.97 6.62 14.57
C VAL A 257 -15.98 6.02 15.54
N PRO A 258 -17.25 6.46 15.47
CA PRO A 258 -18.28 5.92 16.38
C PRO A 258 -18.43 4.40 16.29
N ALA A 259 -18.33 3.87 15.08
CA ALA A 259 -18.46 2.43 14.91
C ALA A 259 -17.26 1.71 15.51
N LEU A 260 -16.09 2.34 15.40
CA LEU A 260 -14.86 1.77 15.95
C LEU A 260 -14.88 1.78 17.48
N GLN A 261 -15.53 2.78 18.06
CA GLN A 261 -15.62 2.88 19.51
C GLN A 261 -16.57 1.83 20.03
N GLN A 262 -17.67 1.61 19.32
CA GLN A 262 -18.63 0.60 19.73
C GLN A 262 -18.04 -0.80 19.61
N LEU A 263 -17.31 -1.03 18.52
CA LEU A 263 -16.69 -2.33 18.30
C LEU A 263 -15.66 -2.63 19.40
N ARG A 264 -14.92 -1.61 19.81
CA ARG A 264 -13.91 -1.82 20.85
C ARG A 264 -14.58 -2.20 22.18
N LYS A 265 -15.63 -1.48 22.54
CA LYS A 265 -16.35 -1.78 23.78
C LYS A 265 -16.86 -3.23 23.75
N ASN A 266 -17.24 -3.67 22.55
CA ASN A 266 -17.73 -5.03 22.35
C ASN A 266 -16.62 -6.06 22.43
N GLY A 267 -15.38 -5.60 22.56
CA GLY A 267 -14.27 -6.53 22.68
C GLY A 267 -13.39 -6.71 21.47
N THR A 268 -13.68 -5.99 20.38
CA THR A 268 -12.87 -6.09 19.17
C THR A 268 -11.68 -5.15 19.27
N GLN A 269 -10.47 -5.68 19.19
CA GLN A 269 -9.28 -4.84 19.26
C GLN A 269 -9.24 -3.99 17.99
N ILE A 270 -8.83 -2.73 18.12
CA ILE A 270 -8.74 -1.84 16.96
C ILE A 270 -7.29 -1.42 16.78
N ILE A 271 -6.68 -1.86 15.69
CA ILE A 271 -5.30 -1.56 15.39
C ILE A 271 -5.16 -0.64 14.18
N ARG A 272 -4.60 0.54 14.42
CA ARG A 272 -4.43 1.52 13.36
C ARG A 272 -3.12 1.37 12.61
N SER A 273 -3.23 0.94 11.36
CA SER A 273 -2.09 0.79 10.45
C SER A 273 -2.39 1.78 9.33
N SER A 274 -1.79 1.62 8.15
CA SER A 274 -2.05 2.56 7.06
C SER A 274 -1.68 2.01 5.68
N HIS A 275 -2.10 2.72 4.63
CA HIS A 275 -1.72 2.34 3.28
C HIS A 275 -0.67 3.31 2.74
N VAL A 276 0.20 3.75 3.64
CA VAL A 276 1.32 4.64 3.30
C VAL A 276 2.46 3.75 3.80
N ASN A 277 2.87 2.84 2.93
CA ASN A 277 3.84 1.82 3.30
C ASN A 277 5.27 1.87 2.77
N GLN A 278 5.73 3.01 2.28
CA GLN A 278 7.09 3.08 1.78
C GLN A 278 8.05 3.47 2.90
N GLY A 279 7.52 4.18 3.90
CA GLY A 279 8.36 4.60 5.02
C GLY A 279 7.57 5.21 6.16
N GLY A 280 8.30 5.60 7.20
CA GLY A 280 7.67 6.21 8.36
C GLY A 280 6.90 5.19 9.18
N PHE A 281 6.03 5.70 10.07
CA PHE A 281 5.24 4.84 10.92
C PHE A 281 4.06 5.59 11.54
N VAL A 282 3.09 4.84 12.04
CA VAL A 282 1.89 5.41 12.66
C VAL A 282 2.20 5.70 14.13
N LEU A 283 2.02 6.97 14.51
CA LEU A 283 2.31 7.44 15.86
C LEU A 283 1.10 7.39 16.80
N ARG A 284 1.33 6.86 18.00
CA ARG A 284 0.24 6.76 18.97
C ARG A 284 -0.24 8.15 19.43
N ASN A 285 -1.57 8.29 19.51
CA ASN A 285 -2.20 9.54 19.93
C ASN A 285 -2.01 10.76 19.03
N ALA A 286 -1.54 10.54 17.80
CA ALA A 286 -1.34 11.67 16.90
C ALA A 286 -2.63 12.06 16.18
N GLU A 287 -3.13 11.17 15.33
CA GLU A 287 -4.34 11.41 14.56
C GLU A 287 -5.62 11.06 15.32
N GLN A 288 -5.52 10.14 16.28
CA GLN A 288 -6.67 9.75 17.09
C GLN A 288 -6.27 9.57 18.55
N PRO A 289 -7.22 9.76 19.48
CA PRO A 289 -6.93 9.60 20.91
C PRO A 289 -6.93 8.13 21.31
N ASP A 290 -5.87 7.43 20.96
CA ASP A 290 -5.75 6.01 21.25
C ASP A 290 -5.90 5.64 22.71
N ASP A 291 -5.34 6.45 23.60
CA ASP A 291 -5.43 6.18 25.04
C ASP A 291 -6.89 6.21 25.49
N LYS A 292 -7.58 7.27 25.09
CA LYS A 292 -8.98 7.45 25.46
C LYS A 292 -9.88 6.34 24.91
N ASN A 293 -9.66 5.94 23.66
CA ASN A 293 -10.49 4.90 23.04
C ASN A 293 -9.95 3.49 23.28
N ASP A 294 -8.78 3.39 23.90
CA ASP A 294 -8.12 2.12 24.16
C ASP A 294 -7.81 1.39 22.84
N TRP A 295 -7.30 2.12 21.85
CA TRP A 295 -6.95 1.52 20.57
C TRP A 295 -5.45 1.23 20.54
N VAL A 296 -5.01 0.55 19.48
CA VAL A 296 -3.61 0.22 19.34
C VAL A 296 -3.05 0.71 18.01
N VAL A 297 -1.78 1.10 18.04
CA VAL A 297 -1.10 1.60 16.86
C VAL A 297 -0.13 0.53 16.33
N ALA A 298 -0.13 0.36 15.01
CA ALA A 298 0.72 -0.64 14.36
C ALA A 298 2.17 -0.22 14.11
N HIS A 299 2.54 0.97 14.56
CA HIS A 299 3.91 1.46 14.37
C HIS A 299 4.25 1.51 12.86
N ASP A 300 5.25 0.76 12.42
CA ASP A 300 5.63 0.77 10.99
C ASP A 300 5.11 -0.38 10.14
N LEU A 301 4.49 -1.38 10.76
CA LEU A 301 3.99 -2.53 10.01
C LEU A 301 2.81 -2.25 9.08
N ASN A 302 2.93 -2.65 7.82
CA ASN A 302 1.83 -2.45 6.88
C ASN A 302 0.64 -3.30 7.36
N PRO A 303 -0.53 -3.16 6.73
CA PRO A 303 -1.73 -3.93 7.12
C PRO A 303 -1.60 -5.43 7.28
N GLU A 304 -1.06 -6.11 6.27
CA GLU A 304 -0.92 -7.56 6.34
C GLU A 304 0.12 -8.02 7.36
N LYS A 305 1.09 -7.16 7.65
CA LYS A 305 2.13 -7.45 8.63
C LYS A 305 1.52 -7.33 10.03
N ALA A 306 0.77 -6.26 10.24
CA ALA A 306 0.13 -5.98 11.52
C ALA A 306 -0.87 -7.08 11.89
N ARG A 307 -1.52 -7.66 10.87
CA ARG A 307 -2.48 -8.72 11.10
C ARG A 307 -1.76 -9.94 11.67
N ILE A 308 -0.59 -10.27 11.11
CA ILE A 308 0.17 -11.42 11.59
C ILE A 308 0.55 -11.23 13.05
N LEU A 309 1.08 -10.07 13.40
CA LEU A 309 1.48 -9.84 14.79
C LEU A 309 0.29 -9.83 15.75
N ALA A 310 -0.82 -9.22 15.33
CA ALA A 310 -2.02 -9.18 16.15
C ALA A 310 -2.50 -10.59 16.49
N MET A 311 -2.57 -11.44 15.47
CA MET A 311 -2.99 -12.83 15.65
C MET A 311 -2.14 -13.51 16.70
N VAL A 312 -0.84 -13.59 16.41
CA VAL A 312 0.13 -14.24 17.30
C VAL A 312 0.03 -13.70 18.72
N ALA A 313 0.06 -12.37 18.84
CA ALA A 313 0.00 -11.72 20.15
C ALA A 313 -1.27 -12.04 20.94
N MET A 314 -2.38 -12.19 20.24
CA MET A 314 -3.65 -12.46 20.90
C MET A 314 -3.85 -13.89 21.39
N THR A 315 -2.85 -14.74 21.17
CA THR A 315 -2.94 -16.11 21.65
C THR A 315 -2.43 -16.05 23.08
N LYS A 316 -1.85 -14.91 23.46
CA LYS A 316 -1.29 -14.74 24.80
C LYS A 316 -1.93 -13.63 25.63
N THR A 317 -2.37 -12.55 24.98
CA THR A 317 -2.98 -11.44 25.71
C THR A 317 -4.06 -10.73 24.92
N GLN A 318 -4.99 -10.10 25.65
CA GLN A 318 -6.08 -9.34 25.05
C GLN A 318 -6.12 -7.96 25.69
N ASP A 319 -5.05 -7.63 26.39
CA ASP A 319 -4.90 -6.36 27.06
C ASP A 319 -4.29 -5.40 26.03
N SER A 320 -5.04 -4.38 25.65
CA SER A 320 -4.58 -3.42 24.66
C SER A 320 -3.21 -2.80 24.95
N LYS A 321 -2.94 -2.46 26.20
CA LYS A 321 -1.67 -1.86 26.58
C LYS A 321 -0.52 -2.83 26.33
N GLU A 322 -0.74 -4.12 26.59
CA GLU A 322 0.28 -5.13 26.36
C GLU A 322 0.41 -5.33 24.85
N LEU A 323 -0.70 -5.19 24.14
CA LEU A 323 -0.70 -5.34 22.71
C LEU A 323 0.15 -4.21 22.10
N GLN A 324 0.02 -3.02 22.67
CA GLN A 324 0.78 -1.88 22.18
C GLN A 324 2.29 -2.05 22.40
N ARG A 325 2.65 -2.61 23.57
CA ARG A 325 4.04 -2.83 23.90
C ARG A 325 4.61 -3.84 22.90
N ILE A 326 3.79 -4.81 22.54
CA ILE A 326 4.20 -5.83 21.59
C ILE A 326 4.43 -5.23 20.20
N PHE A 327 3.56 -4.33 19.79
CA PHE A 327 3.71 -3.69 18.49
C PHE A 327 4.91 -2.74 18.44
N TRP A 328 5.45 -2.39 19.62
CA TRP A 328 6.61 -1.51 19.67
C TRP A 328 7.93 -2.26 19.85
N GLU A 329 7.85 -3.57 20.08
CA GLU A 329 9.05 -4.38 20.29
C GLU A 329 9.35 -5.42 19.19
N TYR A 330 8.32 -5.80 18.45
CA TYR A 330 8.48 -6.80 17.39
C TYR A 330 8.39 -6.21 15.99
N LYS B 1 0.08 42.29 -16.45
CA LYS B 1 1.36 42.37 -15.70
C LYS B 1 1.64 41.03 -15.00
N LEU B 2 1.02 40.83 -13.84
CA LEU B 2 1.19 39.59 -13.09
C LEU B 2 -0.02 38.70 -13.36
N ALA B 3 0.12 37.41 -13.11
CA ALA B 3 -0.97 36.48 -13.32
C ALA B 3 -1.95 36.53 -12.14
N ASN B 4 -3.21 36.23 -12.40
CA ASN B 4 -4.21 36.23 -11.34
C ASN B 4 -4.42 34.78 -10.92
N VAL B 5 -4.00 34.46 -9.71
CA VAL B 5 -4.15 33.11 -9.21
C VAL B 5 -5.12 33.09 -8.04
N VAL B 6 -6.02 32.12 -8.03
CA VAL B 6 -6.99 31.99 -6.96
C VAL B 6 -6.63 30.78 -6.10
N ILE B 7 -6.67 30.96 -4.79
CA ILE B 7 -6.37 29.88 -3.86
C ILE B 7 -7.67 29.43 -3.21
N LEU B 8 -8.04 28.17 -3.46
CA LEU B 8 -9.24 27.59 -2.88
C LEU B 8 -8.79 26.75 -1.69
N ALA B 9 -9.16 27.19 -0.48
CA ALA B 9 -8.77 26.47 0.73
C ALA B 9 -9.81 25.46 1.16
N THR B 10 -9.36 24.27 1.52
CA THR B 10 -10.26 23.20 1.96
C THR B 10 -9.92 22.66 3.34
N GLY B 11 -8.91 23.22 4.00
CA GLY B 11 -8.52 22.76 5.32
C GLY B 11 -7.17 22.06 5.33
N GLY B 12 -7.10 20.92 5.99
CA GLY B 12 -5.87 20.15 6.03
C GLY B 12 -4.87 20.52 7.12
N THR B 13 -3.72 19.86 7.11
CA THR B 13 -2.67 20.14 8.09
C THR B 13 -2.02 21.48 7.81
N ILE B 14 -1.95 21.84 6.53
CA ILE B 14 -1.35 23.11 6.16
C ILE B 14 -2.06 24.24 6.89
N ALA B 15 -3.31 24.01 7.27
CA ALA B 15 -4.10 25.00 7.99
C ALA B 15 -4.32 24.54 9.43
N GLY B 16 -3.53 23.55 9.86
CA GLY B 16 -3.67 23.02 11.21
C GLY B 16 -2.75 23.63 12.24
N ALA B 17 -2.95 23.25 13.50
CA ALA B 17 -2.12 23.78 14.59
C ALA B 17 -1.69 22.69 15.57
N GLY B 18 -0.54 22.90 16.18
CA GLY B 18 -0.01 21.96 17.16
C GLY B 18 0.08 22.60 18.54
N ALA B 19 0.33 21.81 19.57
CA ALA B 19 0.41 22.32 20.93
C ALA B 19 1.66 23.17 21.14
N SER B 20 2.77 22.75 20.53
CA SER B 20 4.03 23.47 20.64
C SER B 20 4.75 23.43 19.31
N ALA B 21 5.83 24.19 19.19
CA ALA B 21 6.60 24.24 17.95
C ALA B 21 7.29 22.92 17.66
N ALA B 22 7.43 22.08 18.70
CA ALA B 22 8.07 20.78 18.54
C ALA B 22 7.10 19.73 18.05
N ASN B 23 5.81 20.06 18.03
CA ASN B 23 4.79 19.13 17.56
C ASN B 23 4.71 19.18 16.05
N SER B 24 5.34 18.21 15.39
CA SER B 24 5.34 18.17 13.93
C SER B 24 4.50 17.04 13.33
N ALA B 25 3.92 16.20 14.19
CA ALA B 25 3.09 15.08 13.74
C ALA B 25 1.76 15.04 14.49
N THR B 26 1.76 15.60 15.69
CA THR B 26 0.56 15.66 16.53
C THR B 26 -0.03 17.07 16.42
N TYR B 27 -1.16 17.19 15.73
CA TYR B 27 -1.77 18.50 15.55
C TYR B 27 -3.27 18.36 15.28
N GLN B 28 -3.93 19.51 15.18
CA GLN B 28 -5.35 19.56 14.88
C GLN B 28 -5.45 20.19 13.50
N ALA B 29 -6.08 19.50 12.57
CA ALA B 29 -6.19 20.00 11.20
C ALA B 29 -7.30 21.04 11.02
N ALA B 30 -7.29 21.68 9.86
CA ALA B 30 -8.28 22.70 9.49
C ALA B 30 -8.67 23.68 10.57
N LYS B 31 -7.69 24.41 11.09
CA LYS B 31 -7.94 25.40 12.14
C LYS B 31 -7.73 26.82 11.64
N VAL B 32 -6.94 26.97 10.57
CA VAL B 32 -6.62 28.27 10.01
C VAL B 32 -7.36 28.56 8.70
N GLY B 33 -7.85 29.79 8.56
CA GLY B 33 -8.56 30.19 7.35
C GLY B 33 -7.61 30.63 6.24
N VAL B 34 -8.09 30.58 5.00
CA VAL B 34 -7.28 30.93 3.84
C VAL B 34 -6.58 32.29 3.89
N ASP B 35 -7.22 33.28 4.48
CA ASP B 35 -6.63 34.62 4.58
C ASP B 35 -5.35 34.63 5.42
N LYS B 36 -5.36 33.86 6.50
CA LYS B 36 -4.21 33.78 7.38
C LYS B 36 -3.02 33.08 6.72
N LEU B 37 -3.31 32.07 5.90
CA LEU B 37 -2.27 31.33 5.19
C LEU B 37 -1.59 32.20 4.15
N ILE B 38 -2.35 33.13 3.56
CA ILE B 38 -1.81 34.04 2.57
C ILE B 38 -0.93 35.07 3.26
N ALA B 39 -1.44 35.62 4.36
CA ALA B 39 -0.71 36.62 5.12
C ALA B 39 0.60 36.07 5.67
N GLY B 40 0.65 34.76 5.85
CA GLY B 40 1.85 34.12 6.38
C GLY B 40 2.97 34.01 5.36
N VAL B 41 2.66 34.31 4.10
CA VAL B 41 3.65 34.25 3.03
C VAL B 41 3.64 35.58 2.26
N PRO B 42 4.27 36.61 2.83
CA PRO B 42 4.36 37.96 2.25
C PRO B 42 4.90 38.02 0.83
N GLU B 43 5.88 37.17 0.53
CA GLU B 43 6.52 37.15 -0.78
C GLU B 43 5.57 36.76 -1.92
N LEU B 44 4.40 36.24 -1.57
CA LEU B 44 3.41 35.82 -2.55
C LEU B 44 3.10 36.91 -3.58
N ALA B 45 3.01 38.15 -3.11
CA ALA B 45 2.71 39.29 -3.97
C ALA B 45 3.70 39.45 -5.12
N ASP B 46 4.89 38.87 -4.96
CA ASP B 46 5.92 38.97 -5.99
C ASP B 46 5.71 38.00 -7.14
N LEU B 47 4.87 36.99 -6.90
CA LEU B 47 4.61 35.98 -7.90
C LEU B 47 3.37 36.24 -8.74
N ALA B 48 2.28 36.65 -8.10
CA ALA B 48 1.04 36.89 -8.81
C ALA B 48 0.03 37.66 -7.99
N ASN B 49 -1.06 38.04 -8.64
CA ASN B 49 -2.14 38.75 -7.95
C ASN B 49 -2.98 37.63 -7.36
N VAL B 50 -2.87 37.43 -6.04
CA VAL B 50 -3.60 36.33 -5.42
C VAL B 50 -4.76 36.69 -4.48
N ARG B 51 -5.84 35.93 -4.57
CA ARG B 51 -7.01 36.12 -3.71
C ARG B 51 -7.44 34.75 -3.19
N GLY B 52 -7.84 34.70 -1.93
CA GLY B 52 -8.25 33.44 -1.33
C GLY B 52 -9.74 33.26 -1.15
N GLU B 53 -10.15 31.99 -1.12
CA GLU B 53 -11.55 31.62 -0.95
C GLU B 53 -11.62 30.31 -0.15
N GLN B 54 -12.32 30.36 0.97
CA GLN B 54 -12.48 29.19 1.84
C GLN B 54 -13.68 28.37 1.36
N VAL B 55 -13.40 27.28 0.66
CA VAL B 55 -14.46 26.42 0.13
C VAL B 55 -15.05 25.54 1.23
N MET B 56 -14.19 25.07 2.12
CA MET B 56 -14.57 24.22 3.23
C MET B 56 -13.41 24.17 4.21
N GLN B 57 -13.64 23.62 5.40
CA GLN B 57 -12.61 23.50 6.42
C GLN B 57 -12.70 22.11 7.02
N ILE B 58 -12.00 21.16 6.43
CA ILE B 58 -12.05 19.79 6.91
C ILE B 58 -10.69 19.11 6.94
N ALA B 59 -10.66 17.97 7.63
CA ALA B 59 -9.49 17.12 7.69
C ALA B 59 -9.84 16.22 6.50
N SER B 60 -8.94 16.11 5.54
CA SER B 60 -9.23 15.33 4.33
C SER B 60 -9.59 13.85 4.50
N GLU B 61 -9.24 13.24 5.63
CA GLU B 61 -9.57 11.82 5.81
C GLU B 61 -11.09 11.67 5.96
N SER B 62 -11.77 12.78 6.24
CA SER B 62 -13.23 12.76 6.43
C SER B 62 -13.97 13.43 5.29
N ILE B 63 -13.37 13.42 4.11
CA ILE B 63 -13.96 14.04 2.92
C ILE B 63 -15.03 13.10 2.35
N THR B 64 -16.05 13.68 1.72
CA THR B 64 -17.14 12.91 1.12
C THR B 64 -17.19 13.16 -0.39
N ASN B 65 -18.04 12.40 -1.09
CA ASN B 65 -18.15 12.57 -2.53
C ASN B 65 -18.75 13.92 -2.87
N ASP B 66 -19.65 14.41 -2.02
CA ASP B 66 -20.27 15.71 -2.25
C ASP B 66 -19.27 16.83 -2.12
N ASP B 67 -18.28 16.64 -1.25
CA ASP B 67 -17.22 17.64 -1.06
C ASP B 67 -16.42 17.73 -2.36
N LEU B 68 -16.07 16.57 -2.92
CA LEU B 68 -15.32 16.52 -4.17
C LEU B 68 -16.04 17.26 -5.28
N LEU B 69 -17.35 17.02 -5.39
CA LEU B 69 -18.17 17.64 -6.41
C LEU B 69 -18.26 19.15 -6.23
N LYS B 70 -18.52 19.56 -5.00
CA LYS B 70 -18.61 20.97 -4.66
C LYS B 70 -17.29 21.63 -5.06
N LEU B 71 -16.18 20.94 -4.82
CA LEU B 71 -14.87 21.46 -5.16
C LEU B 71 -14.67 21.47 -6.67
N GLY B 72 -15.04 20.37 -7.31
CA GLY B 72 -14.89 20.27 -8.76
C GLY B 72 -15.68 21.31 -9.53
N LYS B 73 -16.92 21.54 -9.15
CA LYS B 73 -17.75 22.51 -9.84
C LYS B 73 -17.28 23.94 -9.60
N ARG B 74 -16.79 24.21 -8.39
CA ARG B 74 -16.28 25.52 -8.06
C ARG B 74 -15.06 25.81 -8.94
N VAL B 75 -14.13 24.84 -9.02
CA VAL B 75 -12.94 25.01 -9.83
C VAL B 75 -13.33 25.28 -11.28
N ALA B 76 -14.34 24.57 -11.76
CA ALA B 76 -14.82 24.72 -13.14
C ALA B 76 -15.28 26.15 -13.42
N GLU B 77 -15.98 26.76 -12.45
CA GLU B 77 -16.47 28.13 -12.61
C GLU B 77 -15.30 29.11 -12.71
N LEU B 78 -14.29 28.91 -11.87
CA LEU B 78 -13.12 29.79 -11.86
C LEU B 78 -12.33 29.66 -13.15
N ALA B 79 -12.21 28.45 -13.66
CA ALA B 79 -11.47 28.23 -14.90
C ALA B 79 -12.19 28.86 -16.08
N ASP B 80 -13.50 29.03 -15.95
CA ASP B 80 -14.31 29.63 -17.00
C ASP B 80 -14.18 31.15 -17.02
N SER B 81 -13.66 31.71 -15.93
CA SER B 81 -13.50 33.15 -15.82
C SER B 81 -12.23 33.64 -16.48
N ASN B 82 -12.40 34.55 -17.44
CA ASN B 82 -11.26 35.13 -18.15
C ASN B 82 -10.33 35.87 -17.20
N ASP B 83 -10.81 36.13 -15.98
CA ASP B 83 -10.02 36.84 -14.98
C ASP B 83 -9.21 35.91 -14.08
N VAL B 84 -9.21 34.63 -14.40
CA VAL B 84 -8.46 33.67 -13.60
C VAL B 84 -7.41 32.98 -14.47
N ASP B 85 -6.15 33.11 -14.09
CA ASP B 85 -5.07 32.49 -14.86
C ASP B 85 -4.66 31.14 -14.29
N GLY B 86 -4.61 31.05 -12.97
CA GLY B 86 -4.21 29.82 -12.33
C GLY B 86 -5.04 29.52 -11.09
N ILE B 87 -5.05 28.26 -10.68
CA ILE B 87 -5.81 27.83 -9.52
C ILE B 87 -4.96 26.95 -8.61
N VAL B 88 -4.94 27.29 -7.34
CA VAL B 88 -4.19 26.54 -6.32
C VAL B 88 -5.20 26.13 -5.26
N ILE B 89 -5.14 24.87 -4.85
CA ILE B 89 -6.04 24.35 -3.83
C ILE B 89 -5.23 23.77 -2.68
N THR B 90 -5.47 24.24 -1.46
CA THR B 90 -4.77 23.70 -0.31
C THR B 90 -5.68 22.56 0.16
N HIS B 91 -5.09 21.39 0.36
CA HIS B 91 -5.87 20.22 0.72
C HIS B 91 -5.10 19.29 1.65
N GLY B 92 -5.80 18.72 2.65
CA GLY B 92 -5.14 17.80 3.56
C GLY B 92 -4.45 16.72 2.75
N THR B 93 -3.27 16.30 3.19
CA THR B 93 -2.51 15.29 2.44
C THR B 93 -3.02 13.84 2.49
N ASP B 94 -3.85 13.48 3.47
CA ASP B 94 -4.30 12.10 3.57
C ASP B 94 -5.06 11.58 2.32
N THR B 95 -5.90 12.41 1.71
CA THR B 95 -6.64 11.99 0.52
C THR B 95 -6.36 12.92 -0.67
N LEU B 96 -5.32 13.73 -0.55
CA LEU B 96 -4.92 14.67 -1.60
C LEU B 96 -4.73 13.94 -2.93
N GLU B 97 -4.10 12.77 -2.90
CA GLU B 97 -3.88 12.01 -4.13
C GLU B 97 -5.18 11.64 -4.81
N GLU B 98 -6.24 11.51 -4.01
CA GLU B 98 -7.55 11.15 -4.53
C GLU B 98 -8.19 12.37 -5.20
N THR B 99 -8.20 13.50 -4.51
CA THR B 99 -8.77 14.71 -5.08
C THR B 99 -8.02 15.23 -6.31
N ALA B 100 -6.69 15.18 -6.26
CA ALA B 100 -5.89 15.65 -7.38
C ALA B 100 -6.19 14.84 -8.64
N TYR B 101 -6.35 13.54 -8.49
CA TYR B 101 -6.66 12.69 -9.64
C TYR B 101 -8.08 12.95 -10.16
N PHE B 102 -9.00 13.18 -9.23
CA PHE B 102 -10.39 13.46 -9.60
C PHE B 102 -10.40 14.67 -10.54
N LEU B 103 -9.80 15.76 -10.09
CA LEU B 103 -9.74 16.99 -10.87
C LEU B 103 -9.08 16.79 -12.23
N ASN B 104 -8.05 15.94 -12.28
CA ASN B 104 -7.33 15.66 -13.51
C ASN B 104 -8.22 15.02 -14.56
N LEU B 105 -9.29 14.36 -14.10
CA LEU B 105 -10.19 13.67 -15.01
C LEU B 105 -11.41 14.46 -15.48
N VAL B 106 -11.88 15.39 -14.66
CA VAL B 106 -13.09 16.14 -14.98
C VAL B 106 -13.00 17.63 -15.26
N GLN B 107 -11.82 18.22 -15.11
CA GLN B 107 -11.66 19.64 -15.39
C GLN B 107 -11.17 19.85 -16.80
N LYS B 108 -12.09 20.22 -17.69
CA LYS B 108 -11.78 20.46 -19.09
C LYS B 108 -11.22 21.86 -19.30
N THR B 109 -10.00 22.09 -18.83
CA THR B 109 -9.34 23.38 -18.96
C THR B 109 -7.83 23.17 -19.02
N ASP B 110 -7.13 24.07 -19.72
CA ASP B 110 -5.69 23.96 -19.82
C ASP B 110 -4.99 24.88 -18.84
N LYS B 111 -5.77 25.61 -18.06
CA LYS B 111 -5.21 26.50 -17.05
C LYS B 111 -4.63 25.63 -15.93
N PRO B 112 -3.52 26.06 -15.34
CA PRO B 112 -2.89 25.27 -14.28
C PRO B 112 -3.74 25.10 -13.02
N ILE B 113 -3.85 23.85 -12.57
CA ILE B 113 -4.57 23.52 -11.34
C ILE B 113 -3.52 22.85 -10.48
N VAL B 114 -3.19 23.47 -9.36
CA VAL B 114 -2.16 22.93 -8.46
C VAL B 114 -2.74 22.62 -7.09
N VAL B 115 -2.49 21.42 -6.60
CA VAL B 115 -2.98 21.00 -5.30
C VAL B 115 -1.79 20.93 -4.35
N VAL B 116 -1.95 21.48 -3.15
CA VAL B 116 -0.85 21.49 -2.20
C VAL B 116 -1.29 21.34 -0.76
N GLY B 117 -0.36 20.86 0.08
CA GLY B 117 -0.64 20.68 1.50
C GLY B 117 0.71 20.56 2.19
N SER B 118 0.72 20.23 3.48
CA SER B 118 1.99 20.11 4.19
C SER B 118 1.95 18.98 5.22
N MET B 119 3.09 18.37 5.50
CA MET B 119 3.15 17.28 6.46
C MET B 119 3.23 17.80 7.89
N ARG B 120 3.75 19.01 8.05
CA ARG B 120 3.84 19.59 9.37
C ARG B 120 2.87 20.77 9.49
N PRO B 121 2.27 20.97 10.66
CA PRO B 121 1.34 22.09 10.85
C PRO B 121 2.14 23.40 10.83
N GLY B 122 1.48 24.50 10.47
CA GLY B 122 2.16 25.78 10.39
C GLY B 122 2.78 26.32 11.66
N THR B 123 2.46 25.69 12.80
CA THR B 123 2.99 26.11 14.09
C THR B 123 4.27 25.39 14.51
N ALA B 124 4.62 24.33 13.77
CA ALA B 124 5.82 23.57 14.08
C ALA B 124 7.07 24.26 13.58
N MET B 125 8.22 23.97 14.19
CA MET B 125 9.46 24.59 13.74
C MET B 125 9.84 23.86 12.46
N SER B 126 10.37 24.60 11.50
CA SER B 126 10.75 24.04 10.21
C SER B 126 9.54 23.51 9.44
N ALA B 127 8.38 24.15 9.63
CA ALA B 127 7.16 23.75 8.93
C ALA B 127 7.36 23.86 7.42
N ASP B 128 6.84 22.89 6.67
CA ASP B 128 7.01 22.85 5.22
C ASP B 128 5.94 23.59 4.41
N GLY B 129 4.89 24.04 5.09
CA GLY B 129 3.77 24.70 4.43
C GLY B 129 4.00 25.99 3.69
N MET B 130 4.80 26.89 4.25
CA MET B 130 5.05 28.19 3.64
C MET B 130 5.68 28.10 2.24
N LEU B 131 6.77 27.35 2.13
CA LEU B 131 7.44 27.19 0.84
C LEU B 131 6.58 26.39 -0.13
N ASN B 132 5.85 25.40 0.38
CA ASN B 132 4.99 24.59 -0.49
C ASN B 132 3.94 25.49 -1.16
N LEU B 133 3.34 26.39 -0.39
CA LEU B 133 2.33 27.31 -0.92
C LEU B 133 2.98 28.24 -1.93
N TYR B 134 4.11 28.81 -1.54
CA TYR B 134 4.86 29.72 -2.39
C TYR B 134 5.13 29.05 -3.73
N ASN B 135 5.61 27.80 -3.70
CA ASN B 135 5.89 27.06 -4.92
C ASN B 135 4.61 26.74 -5.69
N ALA B 136 3.52 26.51 -4.97
CA ALA B 136 2.25 26.23 -5.61
C ALA B 136 1.83 27.43 -6.47
N VAL B 137 1.96 28.64 -5.90
CA VAL B 137 1.58 29.85 -6.62
C VAL B 137 2.54 30.08 -7.78
N ALA B 138 3.84 29.89 -7.53
CA ALA B 138 4.86 30.06 -8.57
C ALA B 138 4.55 29.22 -9.79
N VAL B 139 4.10 27.99 -9.56
CA VAL B 139 3.79 27.08 -10.66
C VAL B 139 2.48 27.45 -11.35
N ALA B 140 1.48 27.83 -10.56
CA ALA B 140 0.18 28.21 -11.11
C ALA B 140 0.29 29.46 -11.97
N SER B 141 1.26 30.31 -11.64
CA SER B 141 1.50 31.56 -12.36
C SER B 141 2.32 31.39 -13.62
N ASN B 142 2.97 30.24 -13.76
CA ASN B 142 3.83 29.98 -14.91
C ASN B 142 3.04 29.57 -16.16
N LYS B 143 3.42 30.15 -17.29
CA LYS B 143 2.78 29.86 -18.57
C LYS B 143 3.11 28.44 -19.03
N ASP B 144 4.29 27.95 -18.67
CA ASP B 144 4.73 26.62 -19.04
C ASP B 144 3.97 25.51 -18.32
N SER B 145 3.17 25.89 -17.32
CA SER B 145 2.40 24.92 -16.56
C SER B 145 1.10 24.54 -17.28
N ARG B 146 0.71 25.32 -18.28
CA ARG B 146 -0.52 25.03 -19.00
C ARG B 146 -0.46 23.73 -19.78
N GLY B 147 -1.59 23.05 -19.86
CA GLY B 147 -1.67 21.80 -20.60
C GLY B 147 -0.91 20.62 -20.04
N LYS B 148 -0.52 20.69 -18.77
CA LYS B 148 0.22 19.60 -18.14
C LYS B 148 -0.66 18.74 -17.24
N GLY B 149 -1.94 19.11 -17.14
CA GLY B 149 -2.84 18.36 -16.28
C GLY B 149 -2.70 18.89 -14.86
N VAL B 150 -3.40 18.28 -13.91
CA VAL B 150 -3.32 18.73 -12.52
C VAL B 150 -1.95 18.43 -11.93
N LEU B 151 -1.40 19.39 -11.19
CA LEU B 151 -0.08 19.24 -10.60
C LEU B 151 -0.11 19.36 -9.07
N VAL B 152 0.88 18.77 -8.41
CA VAL B 152 1.00 18.85 -6.95
C VAL B 152 2.43 19.28 -6.68
N THR B 153 2.57 20.32 -5.86
CA THR B 153 3.89 20.85 -5.57
C THR B 153 4.27 20.78 -4.11
N MET B 154 5.12 19.81 -3.79
CA MET B 154 5.59 19.62 -2.43
C MET B 154 7.01 19.07 -2.47
N ASN B 155 7.82 19.38 -1.45
CA ASN B 155 9.18 18.86 -1.39
C ASN B 155 10.01 19.31 -2.60
N ASP B 156 9.75 20.54 -3.06
CA ASP B 156 10.46 21.15 -4.19
C ASP B 156 10.22 20.47 -5.53
N GLU B 157 9.20 19.60 -5.59
CA GLU B 157 8.91 18.89 -6.83
C GLU B 157 7.59 19.27 -7.49
N ILE B 158 7.48 18.95 -8.76
CA ILE B 158 6.26 19.16 -9.52
C ILE B 158 5.84 17.73 -9.84
N GLN B 159 4.78 17.27 -9.19
CA GLN B 159 4.29 15.91 -9.39
C GLN B 159 2.95 15.91 -10.15
N SER B 160 2.71 14.83 -10.88
CA SER B 160 1.46 14.69 -11.63
C SER B 160 0.37 14.22 -10.68
N GLY B 161 -0.77 14.90 -10.69
CA GLY B 161 -1.86 14.52 -9.81
C GLY B 161 -2.38 13.13 -10.11
N ARG B 162 -2.10 12.62 -11.31
CA ARG B 162 -2.56 11.30 -11.70
C ARG B 162 -2.02 10.16 -10.83
N ASP B 163 -0.70 10.04 -10.78
CA ASP B 163 -0.12 8.94 -10.05
C ASP B 163 0.74 9.24 -8.83
N VAL B 164 0.75 10.48 -8.37
CA VAL B 164 1.53 10.77 -7.17
C VAL B 164 0.68 10.21 -6.03
N SER B 165 1.34 9.67 -5.00
CA SER B 165 0.63 9.08 -3.88
C SER B 165 1.37 9.31 -2.58
N LYS B 166 0.64 9.47 -1.48
CA LYS B 166 1.27 9.63 -0.18
C LYS B 166 1.83 8.25 0.12
N SER B 167 3.13 8.10 0.00
CA SER B 167 3.81 6.81 0.19
C SER B 167 4.64 6.69 1.45
N ILE B 168 5.05 7.83 2.01
CA ILE B 168 5.86 7.84 3.22
C ILE B 168 5.20 8.70 4.28
N ASN B 169 5.10 8.18 5.50
CA ASN B 169 4.49 8.93 6.60
C ASN B 169 5.51 9.80 7.34
N ILE B 170 4.99 10.81 8.02
CA ILE B 170 5.79 11.73 8.83
C ILE B 170 6.71 12.69 8.07
N LYS B 171 7.58 12.14 7.23
CA LYS B 171 8.54 12.94 6.46
C LYS B 171 7.98 13.83 5.36
N THR B 172 8.65 14.95 5.10
CA THR B 172 8.18 15.89 4.07
C THR B 172 8.23 15.37 2.62
N GLU B 173 8.98 14.30 2.37
CA GLU B 173 9.04 13.74 1.02
C GLU B 173 7.97 12.65 0.90
N ALA B 174 6.89 12.81 1.66
CA ALA B 174 5.78 11.86 1.69
C ALA B 174 5.21 11.45 0.34
N PHE B 175 5.15 12.38 -0.61
CA PHE B 175 4.57 12.06 -1.92
C PHE B 175 5.56 11.60 -2.98
N LYS B 176 5.29 10.43 -3.54
CA LYS B 176 6.13 9.82 -4.57
C LYS B 176 5.25 9.30 -5.70
N SER B 177 5.85 9.11 -6.88
CA SER B 177 5.15 8.56 -8.03
C SER B 177 6.02 7.47 -8.61
N ALA B 178 5.41 6.32 -8.93
CA ALA B 178 6.16 5.22 -9.51
C ALA B 178 6.87 5.63 -10.80
N TRP B 179 6.38 6.68 -11.46
CA TRP B 179 6.97 7.10 -12.73
C TRP B 179 7.79 8.38 -12.62
N GLY B 180 8.03 8.80 -11.38
CA GLY B 180 8.83 9.97 -11.13
C GLY B 180 8.15 11.31 -11.26
N PRO B 181 8.79 12.37 -10.74
CA PRO B 181 8.24 13.73 -10.82
C PRO B 181 8.38 14.27 -12.23
N LEU B 182 7.55 15.23 -12.59
CA LEU B 182 7.60 15.84 -13.91
C LEU B 182 8.68 16.89 -13.92
N GLY B 183 9.00 17.41 -12.74
CA GLY B 183 10.03 18.43 -12.62
C GLY B 183 10.20 18.93 -11.22
N MET B 184 10.85 20.08 -11.09
CA MET B 184 11.10 20.70 -9.80
C MET B 184 10.89 22.20 -9.88
N VAL B 185 10.70 22.81 -8.71
CA VAL B 185 10.51 24.25 -8.61
C VAL B 185 11.46 24.72 -7.53
N VAL B 186 12.35 25.63 -7.89
CA VAL B 186 13.33 26.17 -6.96
C VAL B 186 13.41 27.69 -7.12
N GLU B 187 13.38 28.38 -5.98
CA GLU B 187 13.43 29.84 -5.98
C GLU B 187 12.56 30.47 -7.05
N GLY B 188 11.31 30.03 -7.12
CA GLY B 188 10.36 30.56 -8.06
C GLY B 188 10.36 30.02 -9.48
N LYS B 189 11.44 29.39 -9.92
CA LYS B 189 11.50 28.86 -11.27
C LYS B 189 11.09 27.41 -11.40
N SER B 190 10.37 27.10 -12.48
CA SER B 190 9.93 25.74 -12.75
C SER B 190 10.88 25.10 -13.76
N TYR B 191 11.29 23.87 -13.46
CA TYR B 191 12.19 23.14 -14.34
C TYR B 191 11.53 21.82 -14.73
N TRP B 192 11.25 21.63 -16.01
CA TRP B 192 10.61 20.40 -16.47
C TRP B 192 11.58 19.36 -17.04
N PHE B 193 11.30 18.09 -16.78
CA PHE B 193 12.14 16.99 -17.25
C PHE B 193 11.31 15.88 -17.90
N ARG B 194 10.01 15.87 -17.62
CA ARG B 194 9.09 14.85 -18.17
C ARG B 194 7.74 15.47 -18.51
N LEU B 195 6.97 14.75 -19.34
CA LEU B 195 5.65 15.20 -19.75
C LEU B 195 4.68 14.03 -19.56
N PRO B 196 3.43 14.33 -19.17
CA PRO B 196 2.46 13.26 -18.96
C PRO B 196 2.15 12.59 -20.29
N ALA B 197 1.80 11.31 -20.24
CA ALA B 197 1.47 10.56 -21.44
C ALA B 197 0.02 10.07 -21.41
N LYS B 198 -0.63 10.21 -20.26
CA LYS B 198 -2.02 9.77 -20.11
C LYS B 198 -3.00 10.93 -20.33
N ARG B 199 -4.21 10.60 -20.78
CA ARG B 199 -5.24 11.60 -21.04
C ARG B 199 -5.61 12.35 -19.77
N HIS B 200 -5.83 13.66 -19.91
CA HIS B 200 -6.18 14.50 -18.77
C HIS B 200 -6.86 15.78 -19.21
N THR B 201 -7.44 16.49 -18.25
CA THR B 201 -8.11 17.77 -18.45
C THR B 201 -8.75 17.97 -19.83
N VAL B 202 -8.22 18.92 -20.60
CA VAL B 202 -8.77 19.23 -21.92
C VAL B 202 -9.03 18.06 -22.86
N ASN B 203 -8.20 17.03 -22.80
CA ASN B 203 -8.42 15.90 -23.68
C ASN B 203 -9.16 14.73 -23.04
N SER B 204 -9.87 15.01 -21.96
CA SER B 204 -10.65 13.98 -21.27
C SER B 204 -12.08 13.93 -21.81
N GLU B 205 -12.67 12.74 -21.79
CA GLU B 205 -14.03 12.57 -22.28
C GLU B 205 -15.06 12.81 -21.18
N PHE B 206 -14.57 13.08 -19.97
CA PHE B 206 -15.45 13.33 -18.84
C PHE B 206 -15.52 14.83 -18.60
N ASP B 207 -16.60 15.29 -17.97
CA ASP B 207 -16.78 16.72 -17.71
C ASP B 207 -17.59 16.93 -16.43
N ILE B 208 -17.00 17.66 -15.47
CA ILE B 208 -17.63 17.93 -14.19
C ILE B 208 -18.96 18.67 -14.31
N LYS B 209 -19.19 19.30 -15.46
CA LYS B 209 -20.45 20.01 -15.67
C LYS B 209 -21.61 19.06 -15.93
N GLN B 210 -21.31 17.89 -16.49
CA GLN B 210 -22.36 16.91 -16.76
C GLN B 210 -22.64 15.98 -15.59
N ILE B 211 -21.79 16.01 -14.57
CA ILE B 211 -21.95 15.12 -13.41
C ILE B 211 -22.75 15.72 -12.24
N SER B 212 -23.84 15.04 -11.86
CA SER B 212 -24.68 15.49 -10.76
C SER B 212 -24.38 14.77 -9.43
N SER B 213 -23.89 13.54 -9.51
CA SER B 213 -23.53 12.77 -8.33
C SER B 213 -22.72 11.55 -8.77
N LEU B 214 -21.88 11.04 -7.89
CA LEU B 214 -21.04 9.88 -8.24
C LEU B 214 -21.59 8.56 -7.78
N PRO B 215 -21.38 7.50 -8.57
CA PRO B 215 -21.88 6.18 -8.18
C PRO B 215 -21.03 5.72 -6.99
N GLN B 216 -21.60 4.86 -6.16
CA GLN B 216 -20.89 4.35 -5.00
C GLN B 216 -19.89 3.29 -5.43
N VAL B 217 -18.66 3.44 -4.96
CA VAL B 217 -17.60 2.47 -5.26
C VAL B 217 -16.79 2.27 -3.99
N ASP B 218 -16.56 1.01 -3.64
CA ASP B 218 -15.80 0.71 -2.43
C ASP B 218 -14.58 -0.18 -2.68
N ILE B 219 -13.75 -0.35 -1.65
CA ILE B 219 -12.51 -1.12 -1.75
C ILE B 219 -12.40 -2.21 -0.68
N ALA B 220 -12.03 -3.41 -1.09
CA ALA B 220 -11.86 -4.52 -0.17
C ALA B 220 -10.39 -4.94 -0.21
N TYR B 221 -9.78 -5.15 0.96
CA TYR B 221 -8.38 -5.54 1.04
C TYR B 221 -8.24 -7.06 0.96
N SER B 222 -7.12 -7.51 0.41
CA SER B 222 -6.86 -8.95 0.27
C SER B 222 -5.55 -9.31 0.96
N TYR B 223 -5.56 -10.47 1.63
CA TYR B 223 -4.41 -10.95 2.39
C TYR B 223 -4.60 -12.44 2.70
N GLY B 224 -3.68 -13.00 3.49
CA GLY B 224 -3.80 -14.40 3.84
C GLY B 224 -5.04 -14.70 4.66
N ASN B 225 -5.75 -15.76 4.29
CA ASN B 225 -6.95 -16.19 4.99
C ASN B 225 -8.12 -15.23 4.82
N VAL B 226 -8.08 -14.39 3.79
CA VAL B 226 -9.18 -13.46 3.57
C VAL B 226 -10.41 -14.25 3.11
N THR B 227 -11.60 -13.79 3.47
CA THR B 227 -12.85 -14.44 3.07
C THR B 227 -13.63 -13.44 2.22
N ASP B 228 -14.75 -13.87 1.64
CA ASP B 228 -15.54 -12.99 0.79
C ASP B 228 -16.42 -12.01 1.57
N THR B 229 -16.39 -12.09 2.89
CA THR B 229 -17.21 -11.23 3.73
C THR B 229 -17.25 -9.74 3.33
N ALA B 230 -16.12 -9.06 3.36
CA ALA B 230 -16.10 -7.64 3.02
C ALA B 230 -16.64 -7.31 1.63
N TYR B 231 -16.34 -8.16 0.65
CA TYR B 231 -16.81 -7.94 -0.72
C TYR B 231 -18.34 -7.94 -0.81
N LYS B 232 -18.97 -8.94 -0.22
CA LYS B 232 -20.43 -9.06 -0.25
C LYS B 232 -21.13 -7.97 0.56
N ALA B 233 -20.60 -7.67 1.74
CA ALA B 233 -21.19 -6.64 2.59
C ALA B 233 -21.21 -5.28 1.90
N LEU B 234 -20.13 -4.96 1.20
CA LEU B 234 -20.04 -3.70 0.48
C LEU B 234 -21.03 -3.66 -0.69
N ALA B 235 -21.11 -4.75 -1.43
CA ALA B 235 -22.02 -4.82 -2.57
C ALA B 235 -23.48 -4.75 -2.11
N GLN B 236 -23.79 -5.45 -1.02
CA GLN B 236 -25.16 -5.46 -0.49
C GLN B 236 -25.56 -4.09 0.03
N ASN B 237 -24.59 -3.26 0.36
CA ASN B 237 -24.89 -1.93 0.87
C ASN B 237 -24.82 -0.82 -0.18
N GLY B 238 -24.93 -1.17 -1.46
CA GLY B 238 -24.93 -0.15 -2.50
C GLY B 238 -23.81 0.00 -3.53
N ALA B 239 -22.62 -0.53 -3.25
CA ALA B 239 -21.51 -0.39 -4.19
C ALA B 239 -21.84 -0.85 -5.60
N LYS B 240 -21.57 0.00 -6.58
CA LYS B 240 -21.82 -0.30 -7.99
C LYS B 240 -20.57 -0.95 -8.58
N ALA B 241 -19.45 -0.76 -7.91
CA ALA B 241 -18.18 -1.33 -8.33
C ALA B 241 -17.34 -1.56 -7.07
N LEU B 242 -16.50 -2.59 -7.12
CA LEU B 242 -15.64 -2.92 -5.99
C LEU B 242 -14.19 -2.99 -6.47
N ILE B 243 -13.31 -2.31 -5.75
CA ILE B 243 -11.90 -2.34 -6.09
C ILE B 243 -11.30 -3.45 -5.23
N HIS B 244 -10.73 -4.45 -5.88
CA HIS B 244 -10.08 -5.57 -5.19
C HIS B 244 -8.61 -5.19 -5.05
N ALA B 245 -8.17 -4.97 -3.81
CA ALA B 245 -6.77 -4.61 -3.54
C ALA B 245 -6.05 -5.89 -3.19
N GLY B 246 -5.75 -6.68 -4.22
CA GLY B 246 -5.10 -7.95 -4.01
C GLY B 246 -3.62 -7.95 -3.74
N THR B 247 -3.14 -9.13 -3.36
CA THR B 247 -1.72 -9.32 -3.10
C THR B 247 -1.10 -9.42 -4.49
N GLY B 248 0.20 -9.16 -4.57
CA GLY B 248 0.88 -9.26 -5.85
C GLY B 248 0.17 -8.61 -7.03
N ASN B 249 0.10 -9.34 -8.12
CA ASN B 249 -0.52 -8.83 -9.35
C ASN B 249 -2.04 -8.95 -9.39
N GLY B 250 -2.70 -8.31 -8.42
CA GLY B 250 -4.16 -8.35 -8.36
C GLY B 250 -4.68 -9.75 -8.11
N SER B 251 -3.83 -10.61 -7.53
CA SER B 251 -4.21 -11.98 -7.24
C SER B 251 -5.45 -12.08 -6.35
N VAL B 252 -6.25 -13.12 -6.58
CA VAL B 252 -7.46 -13.37 -5.81
C VAL B 252 -7.43 -14.78 -5.21
N SER B 253 -7.79 -14.90 -3.93
CA SER B 253 -7.80 -16.22 -3.28
C SER B 253 -8.88 -17.09 -3.91
N SER B 254 -8.64 -18.39 -3.99
CA SER B 254 -9.60 -19.30 -4.58
C SER B 254 -10.93 -19.34 -3.81
N ARG B 255 -10.89 -18.93 -2.54
CA ARG B 255 -12.08 -18.92 -1.68
C ARG B 255 -12.94 -17.68 -1.94
N VAL B 256 -12.38 -16.69 -2.64
CA VAL B 256 -13.09 -15.45 -2.92
C VAL B 256 -13.55 -15.34 -4.38
N VAL B 257 -12.94 -16.11 -5.27
CA VAL B 257 -13.31 -16.09 -6.67
C VAL B 257 -14.82 -16.23 -6.89
N PRO B 258 -15.45 -17.24 -6.29
CA PRO B 258 -16.89 -17.46 -6.45
C PRO B 258 -17.73 -16.22 -6.17
N ALA B 259 -17.51 -15.59 -5.02
CA ALA B 259 -18.27 -14.40 -4.65
C ALA B 259 -18.11 -13.32 -5.69
N LEU B 260 -16.90 -13.21 -6.25
CA LEU B 260 -16.61 -12.20 -7.26
C LEU B 260 -17.35 -12.49 -8.57
N GLN B 261 -17.43 -13.77 -8.94
CA GLN B 261 -18.12 -14.17 -10.16
C GLN B 261 -19.61 -13.89 -9.98
N GLN B 262 -20.12 -14.26 -8.81
CA GLN B 262 -21.53 -14.07 -8.46
C GLN B 262 -21.85 -12.57 -8.52
N LEU B 263 -21.03 -11.77 -7.86
CA LEU B 263 -21.22 -10.33 -7.83
C LEU B 263 -21.24 -9.72 -9.23
N ARG B 264 -20.34 -10.19 -10.09
CA ARG B 264 -20.26 -9.71 -11.45
C ARG B 264 -21.59 -9.94 -12.16
N LYS B 265 -22.12 -11.16 -12.04
CA LYS B 265 -23.39 -11.48 -12.67
C LYS B 265 -24.49 -10.58 -12.12
N ASN B 266 -24.39 -10.22 -10.84
CA ASN B 266 -25.39 -9.36 -10.21
C ASN B 266 -25.32 -7.91 -10.67
N GLY B 267 -24.32 -7.59 -11.50
CA GLY B 267 -24.21 -6.24 -12.00
C GLY B 267 -23.12 -5.37 -11.39
N THR B 268 -22.35 -5.94 -10.47
CA THR B 268 -21.29 -5.19 -9.82
C THR B 268 -19.96 -5.30 -10.58
N GLN B 269 -19.38 -4.16 -10.93
CA GLN B 269 -18.11 -4.17 -11.65
C GLN B 269 -17.04 -4.63 -10.66
N ILE B 270 -16.13 -5.48 -11.12
CA ILE B 270 -15.04 -5.99 -10.30
C ILE B 270 -13.74 -5.49 -10.93
N ILE B 271 -13.01 -4.66 -10.18
CA ILE B 271 -11.77 -4.08 -10.68
C ILE B 271 -10.59 -4.55 -9.84
N ARG B 272 -9.63 -5.22 -10.48
CA ARG B 272 -8.47 -5.73 -9.78
C ARG B 272 -7.31 -4.76 -9.70
N SER B 273 -7.03 -4.32 -8.47
CA SER B 273 -5.92 -3.42 -8.17
C SER B 273 -5.04 -4.27 -7.25
N SER B 274 -4.18 -3.63 -6.46
CA SER B 274 -3.31 -4.40 -5.54
C SER B 274 -2.70 -3.52 -4.46
N HIS B 275 -2.11 -4.15 -3.45
CA HIS B 275 -1.45 -3.40 -2.39
C HIS B 275 0.07 -3.57 -2.53
N VAL B 276 0.52 -3.51 -3.78
CA VAL B 276 1.92 -3.59 -4.18
C VAL B 276 1.96 -2.31 -5.01
N ASN B 277 2.15 -1.18 -4.34
CA ASN B 277 2.09 0.11 -5.01
C ASN B 277 3.33 0.97 -5.17
N GLN B 278 4.50 0.37 -5.13
CA GLN B 278 5.71 1.16 -5.29
C GLN B 278 6.12 1.19 -6.77
N GLY B 279 5.59 0.26 -7.55
CA GLY B 279 5.90 0.22 -8.96
C GLY B 279 5.24 -0.95 -9.69
N GLY B 280 5.37 -0.96 -11.01
CA GLY B 280 4.78 -2.02 -11.81
C GLY B 280 3.30 -1.79 -12.00
N PHE B 281 2.59 -2.82 -12.48
CA PHE B 281 1.16 -2.70 -12.70
C PHE B 281 0.47 -4.05 -12.80
N VAL B 282 -0.85 -4.04 -12.71
CA VAL B 282 -1.61 -5.28 -12.79
C VAL B 282 -1.91 -5.57 -14.25
N LEU B 283 -1.55 -6.78 -14.68
CA LEU B 283 -1.73 -7.20 -16.07
C LEU B 283 -3.01 -8.00 -16.30
N ARG B 284 -3.75 -7.65 -17.35
CA ARG B 284 -5.00 -8.35 -17.66
C ARG B 284 -4.77 -9.82 -18.01
N ASN B 285 -5.64 -10.68 -17.49
CA ASN B 285 -5.59 -12.12 -17.73
C ASN B 285 -4.36 -12.86 -17.18
N ALA B 286 -3.49 -12.17 -16.46
CA ALA B 286 -2.31 -12.82 -15.91
C ALA B 286 -2.66 -13.73 -14.74
N GLU B 287 -3.03 -13.14 -13.61
CA GLU B 287 -3.39 -13.89 -12.40
C GLU B 287 -4.81 -14.46 -12.41
N GLN B 288 -5.70 -13.85 -13.18
CA GLN B 288 -7.09 -14.31 -13.25
C GLN B 288 -7.62 -14.16 -14.67
N PRO B 289 -8.54 -15.04 -15.08
CA PRO B 289 -9.10 -14.95 -16.45
C PRO B 289 -10.13 -13.84 -16.54
N ASP B 290 -9.66 -12.61 -16.64
CA ASP B 290 -10.53 -11.44 -16.71
C ASP B 290 -11.51 -11.45 -17.88
N ASP B 291 -11.09 -11.97 -19.03
CA ASP B 291 -11.98 -12.02 -20.20
C ASP B 291 -13.15 -12.94 -19.91
N LYS B 292 -12.85 -14.15 -19.42
CA LYS B 292 -13.88 -15.11 -19.11
C LYS B 292 -14.86 -14.61 -18.04
N ASN B 293 -14.31 -14.06 -16.95
CA ASN B 293 -15.14 -13.56 -15.86
C ASN B 293 -15.71 -12.17 -16.09
N ASP B 294 -15.20 -11.49 -17.11
CA ASP B 294 -15.63 -10.12 -17.43
C ASP B 294 -15.26 -9.14 -16.32
N TRP B 295 -14.01 -9.20 -15.86
CA TRP B 295 -13.54 -8.29 -14.83
C TRP B 295 -12.66 -7.23 -15.48
N VAL B 296 -12.19 -6.28 -14.68
CA VAL B 296 -11.35 -5.20 -15.18
C VAL B 296 -10.11 -5.04 -14.33
N VAL B 297 -8.98 -4.74 -14.96
CA VAL B 297 -7.75 -4.54 -14.21
C VAL B 297 -7.46 -3.04 -14.13
N ALA B 298 -6.95 -2.60 -13.00
CA ALA B 298 -6.65 -1.20 -12.76
C ALA B 298 -5.29 -0.75 -13.29
N HIS B 299 -4.62 -1.61 -14.06
CA HIS B 299 -3.32 -1.24 -14.60
C HIS B 299 -2.34 -0.89 -13.47
N ASP B 300 -1.86 0.36 -13.43
CA ASP B 300 -0.93 0.76 -12.36
C ASP B 300 -1.54 1.50 -11.17
N LEU B 301 -2.80 1.88 -11.27
CA LEU B 301 -3.45 2.64 -10.21
C LEU B 301 -3.63 1.88 -8.90
N ASN B 302 -3.23 2.51 -7.79
CA ASN B 302 -3.41 1.86 -6.50
C ASN B 302 -4.90 1.86 -6.22
N PRO B 303 -5.35 1.10 -5.20
CA PRO B 303 -6.77 1.03 -4.84
C PRO B 303 -7.56 2.33 -4.81
N GLU B 304 -7.09 3.32 -4.05
CA GLU B 304 -7.83 4.58 -3.96
C GLU B 304 -7.85 5.38 -5.26
N LYS B 305 -6.82 5.21 -6.09
CA LYS B 305 -6.76 5.90 -7.38
C LYS B 305 -7.80 5.22 -8.29
N ALA B 306 -7.81 3.89 -8.24
CA ALA B 306 -8.72 3.11 -9.06
C ALA B 306 -10.16 3.46 -8.79
N ARG B 307 -10.49 3.63 -7.52
CA ARG B 307 -11.83 3.98 -7.11
C ARG B 307 -12.27 5.30 -7.74
N ILE B 308 -11.37 6.28 -7.78
CA ILE B 308 -11.68 7.58 -8.37
C ILE B 308 -12.00 7.47 -9.86
N LEU B 309 -11.16 6.76 -10.59
CA LEU B 309 -11.36 6.61 -12.03
C LEU B 309 -12.65 5.84 -12.30
N ALA B 310 -12.84 4.75 -11.56
CA ALA B 310 -14.04 3.94 -11.71
C ALA B 310 -15.30 4.78 -11.51
N MET B 311 -15.33 5.59 -10.45
CA MET B 311 -16.49 6.43 -10.19
C MET B 311 -16.82 7.35 -11.35
N VAL B 312 -15.81 8.06 -11.84
CA VAL B 312 -15.98 9.00 -12.94
C VAL B 312 -16.40 8.28 -14.22
N ALA B 313 -15.70 7.20 -14.54
CA ALA B 313 -16.00 6.44 -15.75
C ALA B 313 -17.44 5.91 -15.79
N MET B 314 -17.94 5.44 -14.65
CA MET B 314 -19.28 4.90 -14.61
C MET B 314 -20.40 5.92 -14.77
N THR B 315 -20.05 7.20 -14.90
CA THR B 315 -21.07 8.22 -15.11
C THR B 315 -21.29 8.31 -16.61
N LYS B 316 -20.52 7.52 -17.36
CA LYS B 316 -20.62 7.54 -18.82
C LYS B 316 -20.83 6.15 -19.39
N THR B 317 -20.24 5.14 -18.75
CA THR B 317 -20.37 3.77 -19.23
C THR B 317 -20.42 2.71 -18.13
N GLN B 318 -21.10 1.61 -18.43
CA GLN B 318 -21.22 0.50 -17.51
C GLN B 318 -20.81 -0.75 -18.27
N ASP B 319 -20.09 -0.54 -19.37
CA ASP B 319 -19.58 -1.60 -20.22
C ASP B 319 -18.18 -1.93 -19.72
N SER B 320 -17.97 -3.20 -19.34
CA SER B 320 -16.68 -3.64 -18.82
C SER B 320 -15.54 -3.46 -19.82
N LYS B 321 -15.83 -3.58 -21.10
CA LYS B 321 -14.80 -3.41 -22.13
C LYS B 321 -14.38 -1.94 -22.21
N GLU B 322 -15.36 -1.04 -22.18
CA GLU B 322 -15.06 0.38 -22.23
C GLU B 322 -14.33 0.77 -20.95
N LEU B 323 -14.69 0.13 -19.84
CA LEU B 323 -14.04 0.42 -18.56
C LEU B 323 -12.55 0.07 -18.63
N GLN B 324 -12.24 -1.07 -19.23
CA GLN B 324 -10.86 -1.50 -19.35
C GLN B 324 -10.07 -0.52 -20.21
N ARG B 325 -10.68 -0.08 -21.30
CA ARG B 325 -10.06 0.88 -22.20
C ARG B 325 -9.73 2.16 -21.44
N ILE B 326 -10.67 2.60 -20.62
CA ILE B 326 -10.50 3.80 -19.82
C ILE B 326 -9.35 3.66 -18.82
N PHE B 327 -9.24 2.49 -18.21
CA PHE B 327 -8.16 2.22 -17.25
C PHE B 327 -6.81 2.12 -17.94
N TRP B 328 -6.81 1.99 -19.26
CA TRP B 328 -5.56 1.89 -20.01
C TRP B 328 -5.16 3.20 -20.68
N GLU B 329 -6.03 4.20 -20.63
CA GLU B 329 -5.75 5.49 -21.25
C GLU B 329 -5.64 6.66 -20.27
N TYR B 330 -6.25 6.51 -19.09
CA TYR B 330 -6.24 7.56 -18.10
C TYR B 330 -5.32 7.28 -16.92
#